data_4P44
#
_entry.id   4P44
#
_cell.length_a   101.505
_cell.length_b   130.487
_cell.length_c   158.939
_cell.angle_alpha   90.00
_cell.angle_beta   90.00
_cell.angle_gamma   90.00
#
_symmetry.space_group_name_H-M   'I 2 2 2'
#
loop_
_entity.id
_entity.type
_entity.pdbx_description
1 polymer 'Glutamate carboxypeptidase 2'
2 branched 2-acetamido-2-deoxy-beta-D-glucopyranose-(1-4)-2-acetamido-2-deoxy-beta-D-glucopyranose
3 branched alpha-D-mannopyranose-(1-3)-beta-D-mannopyranose-(1-4)-2-acetamido-2-deoxy-beta-D-glucopyranose-(1-4)-2-acetamido-2-deoxy-beta-D-glucopyranose
4 non-polymer 2-acetamido-2-deoxy-beta-D-glucopyranose
5 non-polymer 'ZINC ION'
6 non-polymer 'CALCIUM ION'
7 non-polymer 'CHLORIDE ION'
8 non-polymer N-(4-fluorobenzoyl)-L-alloisoleucyl-O-[(S)-{[(1S)-1,3-dicarboxypropyl]amino}(hydroxy)phosphoryl]-L-serine
9 water water
#
_entity_poly.entity_id   1
_entity_poly.type   'polypeptide(L)'
_entity_poly.pdbx_seq_one_letter_code
;KSSNEATNITPKHNMKAFLDELKAENIKKFLYNFTQIPHLAGTEQNFQLAKQIQSQWKEFGLDSVELAHYDVLLSYPNKT
HPNYISIINEDGNEIFNTSLFEPPPPGYENVSDIVPPFSAFSPQGMPEGDLVYVNYARTEDFFKLERDMKINCSGKIVIA
RYGKVFRGNKVKNAQLAGAKGVILYSDPADYFAPGVKSYPDGWNLPGGGVQRGNILNLNGAGDPLTPGYPANEYAYRRGI
AEAVGLPSIPVHPIGYYDAQKLLEKMGGSAPPDSSWRGSLKVPYNVGPGFTGNFSTQKVKMHIHSTNEVTRIYNVIGTLR
GAVEPDRYVILGGHRDSWVFGGIDPQSGAAVVHEIVRSFGTLKKEGWRPRRTILFASWDAEEFGLLGSTEWAEENSRLLQ
ERGVAYINADSSIEGNYTLRVDCTPLMYSLVHNLTKELKSPDEGFEGKSLYESWTKKSPSPEFSGMPRISKLGSGNDFEV
FFQRLGIASGRARYTKNWETNKFSGYPLYHSVYETYELVEKFYDPMFKYHLTVAQVRGGMVFELANSIVLPFDCRDYAVV
LRKYADKIYSISMKHPQEMKTYSVSFDSLFSAVKNFTEIASKFSERLQDFDKSNPIVLRMMNDQLMFLERAFIDPLGLPD
RPFYRHVIYAPSSHNKYAGESFPGIYDALFDIESKVDPSKAWGEVKRQIYVAAFTVQAAAETLSEVA
;
_entity_poly.pdbx_strand_id   A
#
loop_
_chem_comp.id
_chem_comp.type
_chem_comp.name
_chem_comp.formula
2F7 non-polymer N-(4-fluorobenzoyl)-L-alloisoleucyl-O-[(S)-{[(1S)-1,3-dicarboxypropyl]amino}(hydroxy)phosphoryl]-L-serine 'C21 H29 F N3 O11 P'
BMA D-saccharide, beta linking beta-D-mannopyranose 'C6 H12 O6'
CA non-polymer 'CALCIUM ION' 'Ca 2'
CL non-polymer 'CHLORIDE ION' 'Cl -1'
MAN D-saccharide, alpha linking alpha-D-mannopyranose 'C6 H12 O6'
NAG D-saccharide, beta linking 2-acetamido-2-deoxy-beta-D-glucopyranose 'C8 H15 N O6'
ZN non-polymer 'ZINC ION' 'Zn 2'
#
# COMPACT_ATOMS: atom_id res chain seq x y z
N LYS A 12 13.17 -32.79 14.64
CA LYS A 12 13.63 -31.40 14.95
C LYS A 12 12.59 -30.34 14.57
N HIS A 13 12.40 -29.38 15.47
CA HIS A 13 11.54 -28.23 15.22
C HIS A 13 12.37 -27.00 14.91
N ASN A 14 12.56 -26.74 13.63
CA ASN A 14 13.42 -25.65 13.18
C ASN A 14 12.77 -25.04 11.99
N MET A 15 13.46 -24.12 11.33
CA MET A 15 12.75 -23.44 10.26
C MET A 15 12.45 -24.41 9.11
N LYS A 16 13.34 -25.36 8.86
CA LYS A 16 13.07 -26.32 7.80
C LYS A 16 11.78 -27.11 8.03
N ALA A 17 11.55 -27.54 9.26
CA ALA A 17 10.31 -28.26 9.61
C ALA A 17 9.08 -27.39 9.34
N PHE A 18 9.15 -26.12 9.77
CA PHE A 18 8.09 -25.15 9.46
C PHE A 18 7.84 -25.02 7.95
N LEU A 19 8.90 -24.75 7.20
CA LEU A 19 8.74 -24.54 5.78
C LEU A 19 8.23 -25.79 5.02
N ASP A 20 8.73 -26.95 5.40
CA ASP A 20 8.33 -28.18 4.69
C ASP A 20 6.87 -28.49 4.88
N GLU A 21 6.29 -28.07 6.01
CA GLU A 21 4.90 -28.36 6.30
C GLU A 21 3.96 -27.56 5.41
N LEU A 22 4.42 -26.40 4.91
CA LEU A 22 3.60 -25.63 3.95
C LEU A 22 3.33 -26.41 2.63
N LYS A 23 2.08 -26.43 2.17
CA LYS A 23 1.73 -27.13 0.90
C LYS A 23 1.00 -26.23 -0.07
N ALA A 24 1.43 -26.22 -1.33
CA ALA A 24 0.73 -25.56 -2.40
C ALA A 24 -0.74 -25.95 -2.47
N GLU A 25 -1.03 -27.24 -2.29
CA GLU A 25 -2.41 -27.72 -2.44
C GLU A 25 -3.33 -27.15 -1.38
N ASN A 26 -2.79 -26.94 -0.18
CA ASN A 26 -3.57 -26.29 0.89
C ASN A 26 -3.89 -24.85 0.56
N ILE A 27 -2.90 -24.12 0.05
CA ILE A 27 -3.12 -22.75 -0.37
C ILE A 27 -4.21 -22.66 -1.41
N LYS A 28 -4.16 -23.57 -2.40
CA LYS A 28 -5.17 -23.63 -3.46
C LYS A 28 -6.55 -23.87 -2.88
N LYS A 29 -6.68 -24.86 -1.98
CA LYS A 29 -7.97 -25.13 -1.33
C LYS A 29 -8.53 -23.92 -0.56
N PHE A 30 -7.66 -23.23 0.17
CA PHE A 30 -8.08 -22.05 0.92
C PHE A 30 -8.48 -20.93 -0.01
N LEU A 31 -7.73 -20.72 -1.08
CA LEU A 31 -8.10 -19.66 -2.02
C LEU A 31 -9.47 -19.89 -2.61
N TYR A 32 -9.72 -21.13 -3.04
CA TYR A 32 -11.01 -21.47 -3.55
C TYR A 32 -12.09 -21.19 -2.50
N ASN A 33 -11.86 -21.62 -1.27
CA ASN A 33 -12.83 -21.42 -0.21
C ASN A 33 -13.16 -19.93 0.09
N PHE A 34 -12.17 -19.07 -0.10
CA PHE A 34 -12.32 -17.65 0.26
C PHE A 34 -12.87 -16.81 -0.86
N THR A 35 -13.14 -17.39 -2.06
CA THR A 35 -13.40 -16.54 -3.23
C THR A 35 -14.70 -16.92 -3.98
N GLN A 36 -15.57 -17.69 -3.32
CA GLN A 36 -16.83 -18.12 -3.99
C GLN A 36 -17.92 -17.07 -3.95
N ILE A 37 -17.89 -16.20 -2.93
CA ILE A 37 -18.89 -15.11 -2.82
C ILE A 37 -18.13 -13.82 -2.50
N PRO A 38 -18.77 -12.66 -2.73
CA PRO A 38 -18.06 -11.40 -2.32
C PRO A 38 -17.92 -11.28 -0.83
N HIS A 39 -16.84 -10.62 -0.38
CA HIS A 39 -16.62 -10.33 1.04
C HIS A 39 -16.35 -8.85 1.27
N LEU A 40 -17.30 -8.02 0.87
CA LEU A 40 -17.19 -6.58 1.02
C LEU A 40 -17.18 -6.19 2.48
N ALA A 41 -16.28 -5.28 2.86
CA ALA A 41 -16.31 -4.78 4.25
C ALA A 41 -17.70 -4.31 4.68
N GLY A 42 -18.02 -4.67 5.90
CA GLY A 42 -19.24 -4.28 6.57
C GLY A 42 -20.44 -5.12 6.16
N THR A 43 -20.25 -6.13 5.30
CA THR A 43 -21.38 -6.97 4.91
C THR A 43 -21.45 -8.24 5.73
N GLU A 44 -22.61 -8.88 5.76
CA GLU A 44 -22.78 -10.11 6.55
C GLU A 44 -21.83 -11.22 6.11
N GLN A 45 -21.62 -11.35 4.80
CA GLN A 45 -20.74 -12.36 4.22
C GLN A 45 -19.31 -12.25 4.77
N ASN A 46 -18.88 -11.00 4.98
CA ASN A 46 -17.49 -10.82 5.45
C ASN A 46 -17.35 -11.08 6.96
N PHE A 47 -18.45 -10.85 7.70
CA PHE A 47 -18.51 -11.20 9.11
C PHE A 47 -18.53 -12.73 9.20
N GLN A 48 -19.31 -13.39 8.34
CA GLN A 48 -19.29 -14.88 8.39
C GLN A 48 -17.91 -15.46 8.12
N LEU A 49 -17.19 -14.86 7.15
CA LEU A 49 -15.84 -15.33 6.87
C LEU A 49 -14.94 -15.08 8.07
N ALA A 50 -15.06 -13.89 8.69
CA ALA A 50 -14.28 -13.63 9.91
C ALA A 50 -14.50 -14.74 10.95
N LYS A 51 -15.76 -15.13 11.16
CA LYS A 51 -16.06 -16.19 12.16
C LYS A 51 -15.46 -17.55 11.77
N GLN A 52 -15.47 -17.84 10.46
CA GLN A 52 -14.88 -19.07 9.93
C GLN A 52 -13.38 -19.09 10.20
N ILE A 53 -12.72 -17.98 9.86
CA ILE A 53 -11.27 -17.90 10.08
C ILE A 53 -10.92 -18.01 11.58
N GLN A 54 -11.69 -17.33 12.42
CA GLN A 54 -11.46 -17.44 13.87
C GLN A 54 -11.52 -18.92 14.29
N SER A 55 -12.56 -19.60 13.84
CA SER A 55 -12.78 -21.01 14.24
C SER A 55 -11.63 -21.87 13.73
N GLN A 56 -11.22 -21.66 12.49
CA GLN A 56 -10.11 -22.49 11.96
C GLN A 56 -8.76 -22.23 12.59
N TRP A 57 -8.46 -20.96 12.88
CA TRP A 57 -7.20 -20.65 13.54
C TRP A 57 -7.18 -21.29 14.92
N LYS A 58 -8.34 -21.38 15.59
CA LYS A 58 -8.39 -22.08 16.91
C LYS A 58 -8.09 -23.58 16.67
N GLU A 59 -8.77 -24.22 15.72
N GLU A 59 -8.81 -24.18 15.70
CA GLU A 59 -8.51 -25.66 15.47
CA GLU A 59 -8.64 -25.57 15.22
C GLU A 59 -7.07 -25.87 14.98
C GLU A 59 -7.16 -25.86 14.91
N PHE A 60 -6.51 -24.89 14.27
CA PHE A 60 -5.09 -25.01 13.83
C PHE A 60 -4.09 -25.00 14.99
N GLY A 61 -4.52 -24.52 16.15
CA GLY A 61 -3.74 -24.62 17.38
C GLY A 61 -3.29 -23.33 18.04
N LEU A 62 -3.76 -22.17 17.56
CA LEU A 62 -3.34 -20.91 18.21
C LEU A 62 -3.83 -20.85 19.66
N ASP A 63 -3.10 -20.16 20.52
CA ASP A 63 -3.49 -20.07 21.93
C ASP A 63 -4.79 -19.31 22.16
N SER A 64 -5.01 -18.25 21.40
CA SER A 64 -6.21 -17.46 21.57
C SER A 64 -6.51 -16.85 20.18
N VAL A 65 -7.80 -16.73 19.84
CA VAL A 65 -8.20 -16.11 18.59
C VAL A 65 -9.48 -15.32 18.88
N GLU A 66 -9.37 -13.99 18.79
CA GLU A 66 -10.52 -13.12 19.06
C GLU A 66 -10.92 -12.26 17.87
N LEU A 67 -12.17 -11.79 17.87
CA LEU A 67 -12.54 -10.74 16.91
C LEU A 67 -12.36 -9.40 17.62
N ALA A 68 -11.83 -8.39 16.93
CA ALA A 68 -11.74 -7.05 17.45
C ALA A 68 -12.59 -6.24 16.47
N HIS A 69 -13.68 -5.65 16.94
CA HIS A 69 -14.60 -4.94 16.03
C HIS A 69 -14.57 -3.45 16.35
N TYR A 70 -14.90 -2.65 15.32
CA TYR A 70 -14.93 -1.16 15.38
C TYR A 70 -16.11 -0.73 14.53
N ASP A 71 -16.60 0.46 14.78
CA ASP A 71 -17.67 1.05 13.96
C ASP A 71 -17.11 2.25 13.25
N VAL A 72 -16.92 2.08 11.93
CA VAL A 72 -16.20 3.04 11.11
C VAL A 72 -17.03 3.53 9.94
N LEU A 73 -16.61 4.67 9.39
CA LEU A 73 -17.30 5.20 8.23
C LEU A 73 -16.96 4.42 6.98
N LEU A 74 -17.99 3.80 6.38
CA LEU A 74 -17.86 3.07 5.06
C LEU A 74 -18.75 3.79 4.04
N SER A 75 -18.79 3.31 2.79
CA SER A 75 -19.51 4.01 1.72
C SER A 75 -20.05 2.95 0.78
N TYR A 76 -21.32 3.08 0.37
CA TYR A 76 -21.92 2.09 -0.51
C TYR A 76 -22.83 2.76 -1.53
N PRO A 77 -22.95 2.16 -2.70
CA PRO A 77 -23.96 2.73 -3.61
C PRO A 77 -25.37 2.54 -3.07
N ASN A 78 -26.30 3.37 -3.57
CA ASN A 78 -27.71 3.17 -3.26
C ASN A 78 -28.30 2.11 -4.21
N LYS A 79 -28.73 0.98 -3.64
CA LYS A 79 -29.25 -0.17 -4.43
C LYS A 79 -30.46 0.21 -5.32
N THR A 80 -31.24 1.20 -4.90
CA THR A 80 -32.42 1.60 -5.69
C THR A 80 -32.30 2.94 -6.47
N HIS A 81 -31.09 3.51 -6.51
CA HIS A 81 -30.83 4.75 -7.17
C HIS A 81 -29.40 4.70 -7.74
N PRO A 82 -29.19 3.93 -8.84
CA PRO A 82 -27.82 3.61 -9.31
C PRO A 82 -27.02 4.80 -9.79
N ASN A 83 -25.70 4.72 -9.61
CA ASN A 83 -24.76 5.73 -10.11
C ASN A 83 -24.54 5.53 -11.59
N TYR A 84 -24.51 6.63 -12.35
CA TYR A 84 -24.12 6.55 -13.78
C TYR A 84 -23.75 7.92 -14.29
N ILE A 85 -23.17 7.96 -15.49
CA ILE A 85 -22.77 9.19 -16.13
C ILE A 85 -23.51 9.25 -17.49
N SER A 86 -23.90 10.45 -17.88
CA SER A 86 -24.49 10.67 -19.22
C SER A 86 -23.77 11.70 -20.07
N ILE A 87 -23.99 11.58 -21.39
CA ILE A 87 -23.85 12.73 -22.26
C ILE A 87 -25.29 13.22 -22.45
N ILE A 88 -25.47 14.51 -22.24
CA ILE A 88 -26.78 15.10 -22.25
C ILE A 88 -26.81 16.18 -23.36
N ASN A 89 -27.87 16.19 -24.18
CA ASN A 89 -27.98 17.25 -25.21
C ASN A 89 -28.62 18.53 -24.65
N GLU A 90 -28.72 19.57 -25.48
CA GLU A 90 -29.24 20.88 -25.02
C GLU A 90 -30.69 20.88 -24.49
N ASP A 91 -31.47 19.87 -24.87
CA ASP A 91 -32.84 19.69 -24.37
C ASP A 91 -32.84 18.96 -23.02
N GLY A 92 -31.68 18.43 -22.65
CA GLY A 92 -31.60 17.63 -21.45
C GLY A 92 -32.00 16.18 -21.71
N ASN A 93 -31.87 15.71 -22.94
CA ASN A 93 -32.04 14.28 -23.18
C ASN A 93 -30.70 13.59 -22.95
N GLU A 94 -30.73 12.49 -22.20
CA GLU A 94 -29.52 11.72 -21.96
C GLU A 94 -29.33 10.74 -23.09
N ILE A 95 -28.41 11.07 -23.99
CA ILE A 95 -28.25 10.32 -25.23
C ILE A 95 -27.31 9.13 -25.13
N PHE A 96 -26.53 9.09 -24.06
CA PHE A 96 -25.65 7.97 -23.82
C PHE A 96 -25.54 7.80 -22.31
N ASN A 97 -25.66 6.58 -21.82
CA ASN A 97 -25.50 6.29 -20.40
C ASN A 97 -24.42 5.28 -20.18
N THR A 98 -23.57 5.51 -19.15
CA THR A 98 -22.57 4.49 -18.86
C THR A 98 -23.25 3.27 -18.23
N SER A 99 -22.53 2.16 -18.15
CA SER A 99 -23.09 0.89 -17.65
C SER A 99 -23.48 0.94 -16.16
N LEU A 100 -24.46 0.16 -15.75
CA LEU A 100 -24.86 0.09 -14.34
C LEU A 100 -24.13 -1.06 -13.60
N PHE A 101 -23.44 -1.92 -14.34
CA PHE A 101 -22.78 -3.07 -13.74
C PHE A 101 -21.85 -3.73 -14.74
N GLU A 102 -20.88 -4.48 -14.25
CA GLU A 102 -19.96 -5.22 -15.13
C GLU A 102 -20.64 -6.54 -15.52
N PRO A 103 -20.56 -6.91 -16.81
CA PRO A 103 -21.15 -8.21 -17.16
C PRO A 103 -20.48 -9.32 -16.32
N PRO A 104 -21.28 -10.08 -15.57
CA PRO A 104 -20.63 -11.04 -14.70
C PRO A 104 -19.95 -12.19 -15.44
N PRO A 105 -18.82 -12.71 -14.88
CA PRO A 105 -18.12 -13.76 -15.60
C PRO A 105 -18.85 -15.11 -15.63
N PRO A 106 -18.40 -16.03 -16.51
CA PRO A 106 -19.08 -17.33 -16.66
C PRO A 106 -19.35 -18.09 -15.35
N GLY A 107 -20.60 -18.45 -15.11
CA GLY A 107 -20.92 -19.23 -13.93
C GLY A 107 -21.16 -18.38 -12.67
N TYR A 108 -20.97 -17.06 -12.77
CA TYR A 108 -21.24 -16.10 -11.66
C TYR A 108 -22.36 -15.12 -12.01
N GLU A 109 -23.02 -15.33 -13.13
CA GLU A 109 -24.12 -14.47 -13.57
C GLU A 109 -25.32 -14.47 -12.58
N ASN A 110 -25.38 -15.44 -11.66
CA ASN A 110 -26.43 -15.51 -10.62
C ASN A 110 -25.94 -15.27 -9.18
N VAL A 111 -24.69 -14.87 -9.03
CA VAL A 111 -24.17 -14.55 -7.72
C VAL A 111 -24.77 -13.19 -7.27
N SER A 112 -25.32 -13.15 -6.06
CA SER A 112 -25.90 -11.92 -5.52
C SER A 112 -24.85 -11.07 -4.80
N ASP A 113 -25.22 -9.81 -4.57
CA ASP A 113 -24.46 -8.94 -3.71
C ASP A 113 -23.12 -8.56 -4.33
N ILE A 114 -23.04 -8.57 -5.66
CA ILE A 114 -21.84 -7.99 -6.32
C ILE A 114 -22.03 -6.47 -6.32
N VAL A 115 -21.21 -5.74 -5.55
CA VAL A 115 -21.35 -4.31 -5.54
C VAL A 115 -21.02 -3.72 -6.93
N PRO A 116 -21.91 -2.86 -7.49
CA PRO A 116 -21.55 -2.30 -8.80
C PRO A 116 -20.36 -1.36 -8.68
N PRO A 117 -19.69 -1.09 -9.81
CA PRO A 117 -18.51 -0.20 -9.73
C PRO A 117 -18.90 1.17 -9.16
N PHE A 118 -18.09 1.68 -8.22
CA PHE A 118 -18.27 3.03 -7.70
C PHE A 118 -16.97 3.46 -7.06
N SER A 119 -16.88 4.76 -6.78
CA SER A 119 -15.70 5.28 -6.07
C SER A 119 -16.13 5.48 -4.60
N ALA A 120 -15.60 4.64 -3.70
CA ALA A 120 -15.99 4.75 -2.30
C ALA A 120 -15.61 6.12 -1.74
N PHE A 121 -16.61 6.68 -1.04
CA PHE A 121 -16.61 7.95 -0.30
C PHE A 121 -16.86 9.17 -1.19
N SER A 122 -17.22 8.94 -2.45
CA SER A 122 -17.68 10.09 -3.28
C SER A 122 -18.90 10.71 -2.58
N PRO A 123 -18.94 12.05 -2.54
CA PRO A 123 -20.19 12.72 -2.15
C PRO A 123 -21.25 12.56 -3.22
N GLN A 124 -22.48 12.89 -2.85
CA GLN A 124 -23.61 12.82 -3.80
C GLN A 124 -23.61 14.06 -4.65
N GLY A 125 -24.12 13.94 -5.88
CA GLY A 125 -24.30 15.15 -6.67
C GLY A 125 -24.71 14.78 -8.08
N MET A 126 -25.12 15.79 -8.86
CA MET A 126 -25.40 15.55 -10.27
C MET A 126 -24.84 16.68 -11.11
N PRO A 127 -23.52 16.92 -11.02
CA PRO A 127 -22.89 18.01 -11.74
C PRO A 127 -22.92 17.74 -13.25
N GLU A 128 -23.09 18.84 -14.00
CA GLU A 128 -23.25 18.81 -15.45
C GLU A 128 -22.23 19.77 -16.02
N GLY A 129 -21.41 19.36 -16.97
CA GLY A 129 -20.40 20.30 -17.46
C GLY A 129 -19.64 19.86 -18.69
N ASP A 130 -18.61 20.63 -19.03
CA ASP A 130 -17.70 20.29 -20.14
C ASP A 130 -16.54 19.49 -19.61
N LEU A 131 -16.12 18.48 -20.36
CA LEU A 131 -14.99 17.64 -19.98
C LEU A 131 -13.64 18.27 -20.25
N VAL A 132 -12.70 18.00 -19.32
CA VAL A 132 -11.30 18.21 -19.63
C VAL A 132 -10.60 16.89 -19.36
N TYR A 133 -9.73 16.51 -20.28
CA TYR A 133 -8.96 15.29 -20.13
C TYR A 133 -7.59 15.59 -19.54
N VAL A 134 -7.25 14.94 -18.42
CA VAL A 134 -6.11 15.37 -17.62
C VAL A 134 -5.02 14.28 -17.51
N ASN A 135 -5.01 13.36 -18.48
CA ASN A 135 -4.04 12.26 -18.52
C ASN A 135 -4.23 11.44 -17.22
N TYR A 136 -3.14 11.19 -16.47
CA TYR A 136 -3.22 10.41 -15.21
C TYR A 136 -3.60 11.25 -14.00
N ALA A 137 -3.89 12.54 -14.22
CA ALA A 137 -4.28 13.46 -13.14
C ALA A 137 -3.17 13.57 -12.05
N ARG A 138 -1.93 13.37 -12.46
CA ARG A 138 -0.76 13.58 -11.58
C ARG A 138 -0.50 15.05 -11.36
N THR A 139 0.32 15.35 -10.35
CA THR A 139 0.74 16.74 -10.12
C THR A 139 1.35 17.34 -11.41
N GLU A 140 2.25 16.59 -12.05
CA GLU A 140 2.90 17.11 -13.28
C GLU A 140 1.91 17.25 -14.44
N ASP A 141 0.84 16.43 -14.43
CA ASP A 141 -0.17 16.59 -15.52
C ASP A 141 -0.93 17.91 -15.36
N PHE A 142 -1.30 18.25 -14.12
CA PHE A 142 -1.97 19.51 -13.85
C PHE A 142 -1.05 20.71 -14.06
N PHE A 143 0.24 20.56 -13.75
CA PHE A 143 1.24 21.62 -14.04
C PHE A 143 1.22 21.92 -15.55
N LYS A 144 1.27 20.86 -16.38
CA LYS A 144 1.29 20.99 -17.85
C LYS A 144 0.03 21.69 -18.35
N LEU A 145 -1.14 21.26 -17.86
CA LEU A 145 -2.41 21.89 -18.28
C LEU A 145 -2.46 23.36 -17.93
N GLU A 146 -2.19 23.66 -16.66
CA GLU A 146 -2.40 24.99 -16.13
C GLU A 146 -1.30 25.98 -16.45
N ARG A 147 -0.06 25.53 -16.34
CA ARG A 147 1.11 26.39 -16.53
C ARG A 147 1.52 26.51 -17.99
N ASP A 148 1.58 25.37 -18.69
CA ASP A 148 2.07 25.34 -20.07
C ASP A 148 0.95 25.53 -21.08
N MET A 149 -0.17 24.84 -20.88
CA MET A 149 -1.24 24.87 -21.89
C MET A 149 -2.29 25.94 -21.59
N LYS A 150 -2.21 26.54 -20.41
CA LYS A 150 -3.14 27.58 -19.95
C LYS A 150 -4.58 27.12 -19.98
N ILE A 151 -4.81 25.85 -19.67
CA ILE A 151 -6.17 25.31 -19.65
C ILE A 151 -6.72 25.37 -18.22
N ASN A 152 -7.93 25.90 -18.08
CA ASN A 152 -8.46 26.14 -16.75
C ASN A 152 -9.49 25.06 -16.40
N CYS A 153 -9.24 24.30 -15.31
CA CYS A 153 -10.14 23.21 -14.95
C CYS A 153 -11.29 23.64 -14.08
N SER A 154 -11.30 24.90 -13.64
CA SER A 154 -12.31 25.39 -12.73
C SER A 154 -13.73 25.22 -13.27
N GLY A 155 -14.60 24.53 -12.53
CA GLY A 155 -15.98 24.29 -12.99
C GLY A 155 -16.14 23.25 -14.10
N LYS A 156 -15.05 22.56 -14.48
CA LYS A 156 -15.08 21.52 -15.51
C LYS A 156 -15.21 20.12 -14.86
N ILE A 157 -15.71 19.16 -15.62
CA ILE A 157 -15.64 17.77 -15.17
C ILE A 157 -14.38 17.19 -15.75
N VAL A 158 -13.55 16.61 -14.89
CA VAL A 158 -12.28 16.12 -15.36
C VAL A 158 -12.38 14.61 -15.62
N ILE A 159 -11.81 14.16 -16.73
CA ILE A 159 -11.70 12.73 -16.98
C ILE A 159 -10.23 12.32 -16.99
N ALA A 160 -9.90 11.30 -16.17
CA ALA A 160 -8.52 10.89 -15.98
C ALA A 160 -8.44 9.39 -16.16
N ARG A 161 -7.33 8.93 -16.74
CA ARG A 161 -7.04 7.52 -16.75
C ARG A 161 -6.36 7.04 -15.46
N TYR A 162 -6.83 5.89 -15.00
CA TYR A 162 -6.22 5.23 -13.84
C TYR A 162 -4.77 4.91 -14.21
N GLY A 163 -3.90 4.77 -13.21
CA GLY A 163 -2.55 4.26 -13.43
C GLY A 163 -1.56 5.23 -12.82
N LYS A 164 -0.33 4.75 -12.60
CA LYS A 164 0.82 5.59 -12.15
C LYS A 164 0.78 6.02 -10.70
N VAL A 165 -0.38 6.53 -10.25
CA VAL A 165 -0.48 7.00 -8.83
C VAL A 165 -1.79 6.55 -8.21
N PHE A 166 -1.82 6.48 -6.88
CA PHE A 166 -3.06 6.23 -6.15
C PHE A 166 -4.22 7.12 -6.56
N ARG A 167 -5.40 6.52 -6.73
CA ARG A 167 -6.52 7.29 -7.31
C ARG A 167 -6.97 8.44 -6.38
N GLY A 168 -6.75 8.30 -5.06
CA GLY A 168 -7.07 9.38 -4.12
C GLY A 168 -6.25 10.66 -4.42
N ASN A 169 -4.98 10.50 -4.80
CA ASN A 169 -4.18 11.66 -5.15
C ASN A 169 -4.68 12.36 -6.42
N LYS A 170 -5.14 11.55 -7.37
CA LYS A 170 -5.77 12.13 -8.60
C LYS A 170 -6.95 13.02 -8.21
N VAL A 171 -7.81 12.54 -7.31
CA VAL A 171 -9.01 13.28 -6.95
C VAL A 171 -8.64 14.59 -6.19
N LYS A 172 -7.69 14.50 -5.26
N LYS A 172 -7.67 14.47 -5.27
CA LYS A 172 -7.23 15.71 -4.58
CA LYS A 172 -7.07 15.61 -4.55
C LYS A 172 -6.66 16.71 -5.62
C LYS A 172 -6.54 16.67 -5.52
N ASN A 173 -5.86 16.21 -6.56
CA ASN A 173 -5.25 17.12 -7.56
C ASN A 173 -6.36 17.75 -8.37
N ALA A 174 -7.37 16.96 -8.72
CA ALA A 174 -8.49 17.53 -9.57
C ALA A 174 -9.26 18.54 -8.75
N GLN A 175 -9.50 18.21 -7.49
CA GLN A 175 -10.23 19.09 -6.60
C GLN A 175 -9.50 20.44 -6.42
N LEU A 176 -8.18 20.40 -6.24
CA LEU A 176 -7.40 21.65 -6.09
C LEU A 176 -7.32 22.47 -7.36
N ALA A 177 -7.48 21.81 -8.51
CA ALA A 177 -7.54 22.49 -9.79
C ALA A 177 -8.92 23.12 -10.04
N GLY A 178 -9.86 22.92 -9.13
CA GLY A 178 -11.20 23.51 -9.27
C GLY A 178 -12.24 22.67 -10.01
N ALA A 179 -11.93 21.42 -10.32
CA ALA A 179 -12.89 20.55 -11.00
C ALA A 179 -14.21 20.41 -10.22
N LYS A 180 -15.29 20.14 -10.93
CA LYS A 180 -16.54 19.91 -10.23
C LYS A 180 -16.97 18.45 -10.21
N GLY A 181 -16.15 17.61 -10.83
CA GLY A 181 -16.38 16.17 -10.79
C GLY A 181 -15.22 15.47 -11.43
N VAL A 182 -15.08 14.18 -11.17
CA VAL A 182 -13.98 13.42 -11.74
C VAL A 182 -14.52 12.09 -12.26
N ILE A 183 -14.12 11.73 -13.47
CA ILE A 183 -14.42 10.43 -14.06
C ILE A 183 -13.10 9.68 -14.24
N LEU A 184 -13.01 8.49 -13.62
CA LEU A 184 -11.80 7.68 -13.72
C LEU A 184 -12.11 6.55 -14.69
N TYR A 185 -11.15 6.19 -15.56
CA TYR A 185 -11.40 5.06 -16.47
C TYR A 185 -10.14 4.29 -16.65
N SER A 186 -10.29 3.02 -17.06
CA SER A 186 -9.13 2.16 -17.32
C SER A 186 -8.78 2.16 -18.82
N ASP A 187 -7.63 2.71 -19.17
CA ASP A 187 -7.25 2.75 -20.60
C ASP A 187 -6.53 1.44 -20.92
N PRO A 188 -6.85 0.83 -22.09
CA PRO A 188 -6.13 -0.38 -22.46
C PRO A 188 -4.61 -0.19 -22.52
N ALA A 189 -4.14 1.04 -22.70
CA ALA A 189 -2.67 1.26 -22.71
C ALA A 189 -2.04 0.83 -21.37
N ASP A 190 -2.82 0.97 -20.32
CA ASP A 190 -2.38 0.66 -18.97
C ASP A 190 -2.96 -0.64 -18.39
N TYR A 191 -4.03 -1.19 -18.99
CA TYR A 191 -4.66 -2.41 -18.45
C TYR A 191 -4.97 -3.50 -19.50
N PHE A 192 -4.29 -3.47 -20.65
CA PHE A 192 -4.49 -4.51 -21.66
C PHE A 192 -3.13 -4.81 -22.31
N ALA A 193 -2.51 -5.92 -21.93
CA ALA A 193 -1.21 -6.34 -22.48
C ALA A 193 -1.41 -6.82 -23.94
N PRO A 194 -0.64 -6.24 -24.89
CA PRO A 194 -0.70 -6.73 -26.29
C PRO A 194 -0.51 -8.26 -26.39
N GLY A 195 -1.41 -8.90 -27.15
CA GLY A 195 -1.32 -10.32 -27.47
C GLY A 195 -1.94 -11.29 -26.46
N VAL A 196 -2.55 -10.77 -25.40
CA VAL A 196 -3.27 -11.62 -24.41
C VAL A 196 -4.76 -11.33 -24.49
N LYS A 197 -5.58 -12.35 -24.29
CA LYS A 197 -7.01 -12.17 -24.47
C LYS A 197 -7.65 -11.60 -23.19
N SER A 198 -8.82 -11.01 -23.35
CA SER A 198 -9.67 -10.55 -22.25
C SER A 198 -10.22 -11.70 -21.46
N TYR A 199 -10.43 -11.49 -20.16
CA TYR A 199 -11.12 -12.46 -19.34
C TYR A 199 -12.47 -12.80 -19.99
N PRO A 200 -12.88 -14.07 -20.00
CA PRO A 200 -12.35 -15.30 -19.36
C PRO A 200 -11.29 -16.08 -20.18
N ASP A 201 -10.93 -15.58 -21.34
CA ASP A 201 -9.99 -16.32 -22.20
C ASP A 201 -8.53 -15.96 -21.95
N GLY A 202 -8.31 -14.90 -21.15
CA GLY A 202 -6.96 -14.48 -20.78
C GLY A 202 -7.07 -13.58 -19.58
N TRP A 203 -5.95 -12.95 -19.20
CA TRP A 203 -5.93 -12.14 -17.97
C TRP A 203 -6.09 -10.64 -18.20
N ASN A 204 -6.50 -10.25 -19.42
CA ASN A 204 -6.71 -8.85 -19.75
C ASN A 204 -8.07 -8.33 -19.33
N LEU A 205 -8.19 -7.00 -19.21
CA LEU A 205 -9.43 -6.33 -18.83
C LEU A 205 -10.32 -6.16 -20.06
N PRO A 206 -11.56 -6.69 -20.00
CA PRO A 206 -12.57 -6.42 -21.02
C PRO A 206 -13.04 -4.99 -21.01
N GLY A 207 -13.64 -4.53 -22.10
CA GLY A 207 -14.08 -3.14 -22.19
C GLY A 207 -15.18 -2.76 -21.21
N GLY A 208 -15.89 -3.76 -20.72
CA GLY A 208 -16.94 -3.56 -19.71
C GLY A 208 -16.41 -3.65 -18.27
N GLY A 209 -15.13 -3.99 -18.12
CA GLY A 209 -14.52 -4.17 -16.77
C GLY A 209 -14.24 -2.81 -16.16
N VAL A 210 -14.35 -2.71 -14.84
CA VAL A 210 -14.22 -1.41 -14.16
C VAL A 210 -13.49 -1.64 -12.83
N GLN A 211 -12.58 -0.73 -12.50
CA GLN A 211 -11.80 -0.83 -11.26
C GLN A 211 -12.56 -0.06 -10.18
N ARG A 212 -13.03 -0.75 -9.14
CA ARG A 212 -13.53 -0.08 -7.92
C ARG A 212 -12.36 0.51 -7.09
N GLY A 213 -12.70 1.24 -6.04
CA GLY A 213 -11.64 1.69 -5.12
C GLY A 213 -11.91 2.99 -4.42
N ASN A 214 -11.39 3.11 -3.19
CA ASN A 214 -11.69 4.33 -2.46
C ASN A 214 -10.84 5.49 -2.97
N ILE A 215 -11.33 6.72 -2.76
CA ILE A 215 -10.70 7.93 -3.21
C ILE A 215 -10.41 8.90 -2.04
N LEU A 216 -10.17 8.34 -0.86
CA LEU A 216 -9.85 9.17 0.34
C LEU A 216 -8.42 9.71 0.28
N ASN A 217 -8.17 10.77 1.04
CA ASN A 217 -6.81 11.25 1.33
C ASN A 217 -6.65 11.30 2.84
N LEU A 218 -6.48 10.12 3.45
CA LEU A 218 -6.47 10.03 4.89
C LEU A 218 -5.15 10.42 5.52
N ASN A 219 -4.05 10.28 4.76
CA ASN A 219 -2.71 10.56 5.34
C ASN A 219 -2.45 9.80 6.64
N GLY A 220 -2.92 8.55 6.68
CA GLY A 220 -2.62 7.70 7.81
C GLY A 220 -3.64 7.79 8.95
N ALA A 221 -4.75 8.53 8.78
CA ALA A 221 -5.64 8.76 9.93
C ALA A 221 -6.50 7.57 10.37
N GLY A 222 -6.78 6.66 9.47
CA GLY A 222 -7.70 5.55 9.79
C GLY A 222 -9.14 5.99 9.54
N ASP A 223 -10.07 5.51 10.38
CA ASP A 223 -11.49 5.96 10.24
C ASP A 223 -11.61 7.47 10.18
N PRO A 224 -12.27 7.98 9.13
CA PRO A 224 -12.38 9.42 8.94
C PRO A 224 -12.95 10.15 10.17
N LEU A 225 -13.77 9.46 10.97
CA LEU A 225 -14.42 10.14 12.11
C LEU A 225 -13.72 10.12 13.46
N THR A 226 -12.66 9.32 13.63
CA THR A 226 -12.02 9.15 14.94
C THR A 226 -10.49 9.19 14.87
N PRO A 227 -9.94 10.19 14.17
CA PRO A 227 -8.45 10.18 14.07
C PRO A 227 -7.76 10.25 15.44
N GLY A 228 -6.81 9.33 15.67
CA GLY A 228 -6.06 9.25 16.97
C GLY A 228 -6.51 8.16 17.92
N TYR A 229 -7.76 7.70 17.78
CA TYR A 229 -8.39 6.87 18.83
C TYR A 229 -9.23 5.80 18.16
N PRO A 230 -9.32 4.62 18.77
CA PRO A 230 -10.10 3.55 18.17
C PRO A 230 -11.60 3.84 18.16
N ALA A 231 -12.25 3.46 17.07
CA ALA A 231 -13.68 3.67 16.90
C ALA A 231 -14.48 2.62 17.68
N ASN A 232 -14.30 2.62 18.99
CA ASN A 232 -15.01 1.68 19.86
C ASN A 232 -16.45 2.12 20.20
N GLU A 233 -17.04 1.45 21.20
CA GLU A 233 -18.46 1.63 21.47
C GLU A 233 -18.76 3.01 21.99
N TYR A 234 -17.80 3.65 22.68
CA TYR A 234 -18.11 4.95 23.29
C TYR A 234 -17.41 6.11 22.59
N ALA A 235 -16.89 5.84 21.40
CA ALA A 235 -16.09 6.83 20.71
C ALA A 235 -16.89 8.08 20.44
N TYR A 236 -16.26 9.25 20.54
N TYR A 236 -16.19 9.22 20.55
CA TYR A 236 -16.91 10.48 20.13
CA TYR A 236 -16.59 10.51 19.99
C TYR A 236 -16.43 10.86 18.72
C TYR A 236 -16.35 10.46 18.52
N ARG A 237 -17.35 10.88 17.77
CA ARG A 237 -17.10 11.01 16.34
C ARG A 237 -17.19 12.41 15.86
N ARG A 238 -16.26 12.78 15.00
CA ARG A 238 -16.41 14.04 14.26
C ARG A 238 -17.69 14.01 13.47
N GLY A 239 -18.23 15.22 13.27
CA GLY A 239 -19.29 15.40 12.29
C GLY A 239 -18.68 15.23 10.90
N ILE A 240 -19.53 14.85 9.95
CA ILE A 240 -19.12 14.58 8.57
C ILE A 240 -18.33 15.73 7.99
N ALA A 241 -18.72 16.97 8.33
CA ALA A 241 -18.05 18.13 7.74
C ALA A 241 -16.62 18.28 8.23
N GLU A 242 -16.29 17.70 9.39
CA GLU A 242 -14.92 17.77 9.93
C GLU A 242 -14.15 16.43 9.75
N ALA A 243 -14.75 15.48 9.05
CA ALA A 243 -14.15 14.15 8.85
C ALA A 243 -12.83 14.30 8.10
N VAL A 244 -11.94 13.32 8.29
CA VAL A 244 -10.67 13.36 7.60
C VAL A 244 -10.80 12.74 6.21
N GLY A 245 -10.31 13.48 5.22
CA GLY A 245 -9.91 12.91 3.95
C GLY A 245 -10.99 12.67 2.91
N LEU A 246 -12.22 13.15 3.16
CA LEU A 246 -13.31 12.93 2.20
C LEU A 246 -13.19 13.89 0.99
N PRO A 247 -13.51 13.41 -0.20
CA PRO A 247 -13.45 14.32 -1.34
C PRO A 247 -14.68 15.23 -1.37
N SER A 248 -14.52 16.39 -2.01
N SER A 248 -14.55 16.41 -1.97
CA SER A 248 -15.54 17.43 -2.03
CA SER A 248 -15.67 17.38 -2.00
C SER A 248 -16.41 17.39 -3.29
C SER A 248 -16.29 17.53 -3.38
N ILE A 249 -15.97 16.62 -4.28
CA ILE A 249 -16.63 16.56 -5.60
C ILE A 249 -16.95 15.12 -5.98
N PRO A 250 -18.02 14.88 -6.76
CA PRO A 250 -18.42 13.50 -7.11
C PRO A 250 -17.39 12.81 -8.02
N VAL A 251 -17.24 11.49 -7.84
CA VAL A 251 -16.24 10.75 -8.61
C VAL A 251 -16.85 9.42 -8.99
N HIS A 252 -16.54 8.91 -10.17
CA HIS A 252 -17.08 7.63 -10.60
C HIS A 252 -16.13 6.96 -11.59
N PRO A 253 -15.98 5.62 -11.48
CA PRO A 253 -15.11 4.93 -12.42
C PRO A 253 -15.87 4.17 -13.52
N ILE A 254 -15.27 4.12 -14.72
CA ILE A 254 -15.90 3.45 -15.88
C ILE A 254 -14.83 2.63 -16.64
N GLY A 255 -15.31 1.69 -17.48
CA GLY A 255 -14.44 0.92 -18.36
C GLY A 255 -14.20 1.63 -19.67
N TYR A 256 -13.35 1.03 -20.49
CA TYR A 256 -12.92 1.71 -21.72
C TYR A 256 -13.94 1.70 -22.87
N TYR A 257 -14.91 0.77 -22.88
CA TYR A 257 -16.05 0.94 -23.81
C TYR A 257 -16.77 2.25 -23.57
N ASP A 258 -17.09 2.52 -22.30
CA ASP A 258 -17.76 3.76 -21.94
C ASP A 258 -16.88 4.98 -22.04
N ALA A 259 -15.61 4.82 -21.68
CA ALA A 259 -14.65 5.92 -21.83
C ALA A 259 -14.52 6.35 -23.28
N GLN A 260 -14.46 5.39 -24.19
CA GLN A 260 -14.39 5.75 -25.59
C GLN A 260 -15.55 6.67 -26.03
N LYS A 261 -16.75 6.36 -25.59
CA LYS A 261 -17.91 7.16 -25.92
C LYS A 261 -17.80 8.56 -25.34
N LEU A 262 -17.16 8.72 -24.17
CA LEU A 262 -16.99 10.07 -23.59
C LEU A 262 -15.85 10.87 -24.23
N LEU A 263 -14.81 10.17 -24.66
CA LEU A 263 -13.63 10.84 -25.15
C LEU A 263 -13.74 11.15 -26.65
N GLU A 264 -14.52 10.36 -27.38
CA GLU A 264 -14.42 10.40 -28.85
C GLU A 264 -14.83 11.76 -29.41
N LYS A 265 -15.66 12.47 -28.68
CA LYS A 265 -16.16 13.75 -29.17
C LYS A 265 -15.30 14.93 -28.72
N MET A 266 -14.29 14.67 -27.88
CA MET A 266 -13.51 15.79 -27.31
C MET A 266 -12.80 16.73 -28.30
N GLY A 267 -12.96 18.03 -28.06
CA GLY A 267 -12.32 19.08 -28.87
C GLY A 267 -11.31 19.88 -28.08
N GLY A 268 -11.26 21.20 -28.34
CA GLY A 268 -10.25 22.06 -27.72
C GLY A 268 -8.85 21.65 -28.15
N SER A 269 -7.87 21.82 -27.26
CA SER A 269 -6.46 21.61 -27.63
C SER A 269 -6.11 20.15 -27.85
N ALA A 270 -5.19 19.89 -28.79
CA ALA A 270 -4.62 18.55 -28.98
C ALA A 270 -3.88 18.09 -27.69
N PRO A 271 -3.61 16.78 -27.54
CA PRO A 271 -2.73 16.35 -26.41
C PRO A 271 -1.35 16.99 -26.62
N PRO A 272 -0.67 17.41 -25.54
CA PRO A 272 0.60 18.12 -25.72
C PRO A 272 1.73 17.26 -26.25
N ASP A 273 1.62 15.93 -26.12
CA ASP A 273 2.65 15.01 -26.61
C ASP A 273 2.15 13.56 -26.49
N SER A 274 2.95 12.60 -26.96
CA SER A 274 2.50 11.20 -27.02
C SER A 274 2.30 10.52 -25.65
N SER A 275 2.92 11.05 -24.59
CA SER A 275 2.77 10.47 -23.22
C SER A 275 1.36 10.69 -22.66
N TRP A 276 0.58 11.52 -23.37
CA TRP A 276 -0.82 11.78 -23.02
C TRP A 276 -1.82 10.92 -23.80
N ARG A 277 -1.33 10.15 -24.78
CA ARG A 277 -2.20 9.32 -25.59
C ARG A 277 -2.23 7.86 -25.11
N GLY A 278 -3.41 7.33 -24.82
CA GLY A 278 -3.56 5.91 -24.56
C GLY A 278 -3.81 5.17 -25.87
N SER A 279 -4.48 4.03 -25.79
CA SER A 279 -4.59 3.11 -26.93
C SER A 279 -5.93 3.09 -27.63
N LEU A 280 -6.89 3.85 -27.12
CA LEU A 280 -8.18 3.93 -27.77
C LEU A 280 -8.08 4.73 -29.09
N LYS A 281 -9.02 4.44 -29.97
CA LYS A 281 -9.07 5.15 -31.25
C LYS A 281 -9.81 6.47 -31.08
N VAL A 282 -9.15 7.40 -30.38
CA VAL A 282 -9.65 8.73 -30.15
C VAL A 282 -8.43 9.66 -30.18
N PRO A 283 -8.65 10.97 -30.36
CA PRO A 283 -7.47 11.86 -30.49
C PRO A 283 -6.81 12.20 -29.15
N TYR A 284 -7.52 11.98 -28.04
CA TYR A 284 -7.05 12.39 -26.69
C TYR A 284 -6.93 13.91 -26.57
N ASN A 285 -7.85 14.63 -27.20
CA ASN A 285 -7.87 16.08 -27.05
C ASN A 285 -8.12 16.38 -25.59
N VAL A 286 -7.50 17.46 -25.11
N VAL A 286 -7.51 17.45 -25.10
CA VAL A 286 -7.63 17.82 -23.71
CA VAL A 286 -7.67 17.76 -23.68
C VAL A 286 -8.95 18.53 -23.44
C VAL A 286 -8.92 18.61 -23.41
N GLY A 287 -9.54 19.14 -24.47
CA GLY A 287 -10.76 19.96 -24.27
C GLY A 287 -10.40 21.40 -23.99
N PRO A 288 -11.26 22.15 -23.27
CA PRO A 288 -12.52 21.70 -22.67
C PRO A 288 -13.60 21.43 -23.71
N GLY A 289 -14.52 20.54 -23.36
CA GLY A 289 -15.72 20.33 -24.17
C GLY A 289 -15.50 19.57 -25.47
N PHE A 290 -16.56 19.48 -26.26
CA PHE A 290 -16.58 18.62 -27.43
C PHE A 290 -16.35 19.46 -28.70
N THR A 291 -16.02 18.81 -29.82
CA THR A 291 -15.80 19.50 -31.12
C THR A 291 -17.07 20.18 -31.63
N GLY A 292 -16.90 21.08 -32.60
CA GLY A 292 -17.98 21.92 -33.14
C GLY A 292 -19.41 21.39 -33.15
N ASN A 293 -19.62 20.23 -33.79
CA ASN A 293 -20.98 19.70 -33.97
C ASN A 293 -21.68 19.31 -32.66
N PHE A 294 -20.89 19.04 -31.63
CA PHE A 294 -21.44 18.53 -30.37
C PHE A 294 -21.21 19.51 -29.22
N SER A 295 -20.82 20.73 -29.57
CA SER A 295 -20.33 21.74 -28.61
C SER A 295 -21.36 22.09 -27.54
N THR A 296 -22.62 21.83 -27.83
CA THR A 296 -23.70 22.14 -26.87
C THR A 296 -24.11 20.94 -26.01
N GLN A 297 -23.56 19.76 -26.30
CA GLN A 297 -23.77 18.61 -25.43
C GLN A 297 -22.87 18.78 -24.20
N LYS A 298 -23.31 18.25 -23.06
CA LYS A 298 -22.54 18.27 -21.82
C LYS A 298 -22.45 16.84 -21.26
N VAL A 299 -21.60 16.68 -20.23
CA VAL A 299 -21.53 15.44 -19.49
C VAL A 299 -22.17 15.62 -18.10
N LYS A 300 -22.97 14.66 -17.69
CA LYS A 300 -23.65 14.76 -16.41
C LYS A 300 -23.36 13.52 -15.59
N MET A 301 -22.90 13.71 -14.36
CA MET A 301 -22.73 12.58 -13.45
C MET A 301 -23.95 12.45 -12.57
N HIS A 302 -24.25 11.25 -12.08
CA HIS A 302 -25.34 11.05 -11.12
C HIS A 302 -24.82 10.14 -10.04
N ILE A 303 -24.49 10.73 -8.90
CA ILE A 303 -23.91 9.94 -7.80
C ILE A 303 -24.78 10.02 -6.57
N HIS A 304 -25.16 8.86 -6.03
CA HIS A 304 -26.08 8.76 -4.90
C HIS A 304 -25.63 7.82 -3.78
N SER A 305 -24.33 7.52 -3.78
CA SER A 305 -23.73 6.66 -2.75
C SER A 305 -23.87 7.34 -1.41
N THR A 306 -23.89 6.54 -0.34
N THR A 306 -23.86 6.51 -0.37
CA THR A 306 -23.99 7.14 1.01
CA THR A 306 -23.99 7.01 0.97
C THR A 306 -22.92 6.59 1.94
C THR A 306 -22.73 6.65 1.79
N ASN A 307 -22.41 7.49 2.77
CA ASN A 307 -21.38 7.13 3.80
C ASN A 307 -22.18 6.71 5.02
N GLU A 308 -21.79 5.61 5.66
CA GLU A 308 -22.56 5.05 6.75
C GLU A 308 -21.61 4.44 7.76
N VAL A 309 -21.80 4.73 9.03
CA VAL A 309 -20.93 4.10 10.04
C VAL A 309 -21.41 2.64 10.15
N THR A 310 -20.44 1.73 10.08
CA THR A 310 -20.69 0.32 9.86
C THR A 310 -19.70 -0.52 10.68
N ARG A 311 -20.15 -1.65 11.23
CA ARG A 311 -19.26 -2.48 12.04
C ARG A 311 -18.30 -3.33 11.18
N ILE A 312 -17.04 -3.39 11.59
CA ILE A 312 -16.02 -4.20 10.88
C ILE A 312 -15.34 -5.09 11.90
N TYR A 313 -14.72 -6.17 11.44
CA TYR A 313 -14.20 -7.20 12.34
C TYR A 313 -12.80 -7.65 11.94
N ASN A 314 -11.81 -7.44 12.81
CA ASN A 314 -10.49 -8.04 12.57
C ASN A 314 -10.45 -9.37 13.29
N VAL A 315 -9.75 -10.36 12.73
CA VAL A 315 -9.46 -11.58 13.53
C VAL A 315 -8.01 -11.45 13.99
N ILE A 316 -7.78 -11.66 15.30
CA ILE A 316 -6.45 -11.55 15.93
C ILE A 316 -6.13 -12.88 16.59
N GLY A 317 -5.14 -13.59 16.06
CA GLY A 317 -4.69 -14.86 16.66
C GLY A 317 -3.37 -14.68 17.37
N THR A 318 -3.16 -15.38 18.49
CA THR A 318 -1.94 -15.25 19.26
C THR A 318 -1.31 -16.62 19.45
N LEU A 319 -0.01 -16.69 19.20
CA LEU A 319 0.80 -17.87 19.54
C LEU A 319 1.83 -17.35 20.53
N ARG A 320 1.59 -17.63 21.81
CA ARG A 320 2.41 -17.06 22.89
C ARG A 320 3.89 -17.55 22.85
N GLY A 321 4.83 -16.61 22.93
CA GLY A 321 6.24 -16.94 22.93
C GLY A 321 6.67 -17.67 24.22
N ALA A 322 7.64 -18.57 24.06
CA ALA A 322 8.16 -19.37 25.22
C ALA A 322 9.09 -18.61 26.12
N VAL A 323 9.83 -17.66 25.57
CA VAL A 323 10.92 -16.99 26.32
C VAL A 323 10.65 -15.49 26.47
N GLU A 324 10.29 -14.86 25.33
CA GLU A 324 9.91 -13.43 25.33
C GLU A 324 8.49 -13.20 24.86
N PRO A 325 7.49 -13.60 25.67
CA PRO A 325 6.08 -13.46 25.29
C PRO A 325 5.66 -12.00 25.14
N ASP A 326 6.44 -11.10 25.76
CA ASP A 326 6.13 -9.67 25.63
C ASP A 326 6.87 -9.01 24.45
N ARG A 327 7.26 -9.80 23.45
CA ARG A 327 7.80 -9.28 22.19
C ARG A 327 6.95 -9.84 21.07
N TYR A 328 6.45 -8.97 20.19
CA TYR A 328 5.45 -9.37 19.18
C TYR A 328 6.00 -9.28 17.79
N VAL A 329 5.85 -10.39 17.05
CA VAL A 329 6.14 -10.40 15.63
C VAL A 329 4.77 -10.62 14.98
N ILE A 330 4.37 -9.72 14.08
CA ILE A 330 3.01 -9.70 13.59
C ILE A 330 3.02 -10.03 12.11
N LEU A 331 2.15 -10.97 11.75
CA LEU A 331 1.87 -11.28 10.35
C LEU A 331 0.44 -10.89 10.09
N GLY A 332 0.25 -9.91 9.23
CA GLY A 332 -1.14 -9.35 9.03
C GLY A 332 -1.44 -9.13 7.55
N GLY A 333 -2.71 -9.29 7.16
CA GLY A 333 -3.12 -8.94 5.80
C GLY A 333 -4.64 -8.86 5.83
N HIS A 334 -5.22 -8.20 4.84
CA HIS A 334 -6.67 -7.99 4.90
C HIS A 334 -7.49 -9.16 4.29
N ARG A 335 -8.77 -9.15 4.65
CA ARG A 335 -9.72 -10.19 4.29
C ARG A 335 -10.84 -9.63 3.42
N ASP A 336 -11.18 -8.33 3.62
CA ASP A 336 -12.28 -7.73 2.87
C ASP A 336 -11.85 -7.53 1.42
N SER A 337 -12.81 -7.66 0.50
CA SER A 337 -12.50 -7.49 -0.92
C SER A 337 -13.55 -6.63 -1.56
N TRP A 338 -13.26 -6.09 -2.73
CA TRP A 338 -14.27 -5.35 -3.50
C TRP A 338 -15.36 -6.32 -4.02
N VAL A 339 -14.94 -7.40 -4.66
CA VAL A 339 -15.90 -8.44 -5.10
C VAL A 339 -15.32 -9.79 -4.61
N PHE A 340 -14.82 -10.65 -5.49
CA PHE A 340 -14.39 -12.00 -5.07
C PHE A 340 -12.99 -12.02 -4.50
N GLY A 341 -12.19 -11.00 -4.81
CA GLY A 341 -10.85 -10.92 -4.19
C GLY A 341 -9.94 -12.08 -4.57
N GLY A 342 -10.10 -12.60 -5.79
CA GLY A 342 -9.29 -13.74 -6.23
C GLY A 342 -7.79 -13.51 -6.08
N ILE A 343 -7.32 -12.28 -6.37
CA ILE A 343 -5.94 -11.96 -6.05
C ILE A 343 -5.91 -11.10 -4.77
N ASP A 344 -6.62 -9.98 -4.82
CA ASP A 344 -6.56 -8.97 -3.73
C ASP A 344 -7.83 -9.06 -2.86
N PRO A 345 -7.72 -9.62 -1.65
CA PRO A 345 -6.53 -10.06 -0.92
C PRO A 345 -6.45 -11.56 -0.78
N GLN A 346 -7.35 -12.33 -1.38
CA GLN A 346 -7.41 -13.72 -0.87
C GLN A 346 -6.20 -14.58 -1.25
N SER A 347 -5.47 -14.18 -2.28
CA SER A 347 -4.21 -14.90 -2.59
C SER A 347 -3.18 -14.67 -1.50
N GLY A 348 -3.32 -13.54 -0.77
CA GLY A 348 -2.47 -13.36 0.44
C GLY A 348 -3.09 -14.06 1.67
N ALA A 349 -4.40 -13.93 1.86
CA ALA A 349 -5.08 -14.52 3.03
C ALA A 349 -4.98 -16.06 3.07
N ALA A 350 -4.98 -16.69 1.89
CA ALA A 350 -4.85 -18.17 1.82
C ALA A 350 -3.45 -18.54 2.25
N VAL A 351 -2.47 -17.69 1.91
CA VAL A 351 -1.07 -17.91 2.33
C VAL A 351 -0.95 -17.75 3.87
N VAL A 352 -1.56 -16.69 4.42
CA VAL A 352 -1.55 -16.55 5.87
C VAL A 352 -2.17 -17.78 6.56
N HIS A 353 -3.27 -18.26 5.98
CA HIS A 353 -4.02 -19.39 6.57
C HIS A 353 -3.13 -20.62 6.65
N GLU A 354 -2.40 -20.88 5.59
CA GLU A 354 -1.45 -22.02 5.56
C GLU A 354 -0.27 -21.82 6.48
N ILE A 355 0.20 -20.58 6.59
CA ILE A 355 1.26 -20.30 7.56
C ILE A 355 0.79 -20.56 9.00
N VAL A 356 -0.43 -20.14 9.34
CA VAL A 356 -0.96 -20.39 10.69
C VAL A 356 -1.06 -21.91 10.90
N ARG A 357 -1.60 -22.57 9.89
CA ARG A 357 -1.71 -24.04 9.93
C ARG A 357 -0.36 -24.71 10.22
N SER A 358 0.69 -24.33 9.47
N SER A 358 0.68 -24.28 9.52
CA SER A 358 2.02 -24.88 9.74
CA SER A 358 2.03 -24.83 9.69
C SER A 358 2.55 -24.58 11.13
C SER A 358 2.67 -24.54 11.05
N PHE A 359 2.52 -23.31 11.56
CA PHE A 359 2.97 -23.01 12.92
C PHE A 359 2.22 -23.85 13.95
N GLY A 360 0.92 -24.05 13.73
CA GLY A 360 0.06 -24.77 14.67
C GLY A 360 0.40 -26.27 14.71
N THR A 361 0.86 -26.82 13.58
CA THR A 361 1.33 -28.22 13.53
C THR A 361 2.52 -28.39 14.47
N LEU A 362 3.46 -27.44 14.41
CA LEU A 362 4.62 -27.48 15.29
C LEU A 362 4.20 -27.28 16.73
N LYS A 363 3.33 -26.30 16.99
CA LYS A 363 2.82 -26.10 18.34
C LYS A 363 2.21 -27.39 18.95
N LYS A 364 1.38 -28.10 18.17
CA LYS A 364 0.78 -29.37 18.64
C LYS A 364 1.79 -30.42 19.02
N GLU A 365 3.00 -30.34 18.46
CA GLU A 365 4.10 -31.28 18.84
C GLU A 365 4.94 -30.80 20.03
N GLY A 366 4.55 -29.68 20.63
CA GLY A 366 5.23 -29.16 21.83
C GLY A 366 6.11 -27.95 21.60
N TRP A 367 6.15 -27.44 20.37
CA TRP A 367 7.05 -26.33 20.04
C TRP A 367 6.34 -25.03 20.35
N ARG A 368 7.12 -24.02 20.74
CA ARG A 368 6.63 -22.62 20.77
C ARG A 368 7.73 -21.75 20.23
N PRO A 369 7.36 -20.66 19.52
CA PRO A 369 8.40 -19.71 19.13
C PRO A 369 9.01 -19.02 20.34
N ARG A 370 10.22 -18.46 20.21
CA ARG A 370 10.83 -17.72 21.32
C ARG A 370 9.96 -16.48 21.71
N ARG A 371 9.61 -15.71 20.69
CA ARG A 371 8.74 -14.50 20.89
C ARG A 371 7.32 -14.79 20.47
N THR A 372 6.37 -13.95 20.91
CA THR A 372 4.97 -14.10 20.57
C THR A 372 4.77 -13.78 19.09
N ILE A 373 3.95 -14.58 18.42
CA ILE A 373 3.56 -14.26 17.05
C ILE A 373 2.09 -13.91 17.06
N LEU A 374 1.75 -12.73 16.51
CA LEU A 374 0.37 -12.34 16.29
C LEU A 374 0.02 -12.47 14.82
N PHE A 375 -1.14 -13.06 14.59
CA PHE A 375 -1.67 -13.21 13.23
C PHE A 375 -2.93 -12.36 13.10
N ALA A 376 -3.03 -11.62 12.00
CA ALA A 376 -4.20 -10.74 11.82
C ALA A 376 -4.84 -10.88 10.44
N SER A 377 -6.17 -10.91 10.45
CA SER A 377 -7.02 -10.88 9.28
C SER A 377 -7.77 -9.54 9.40
N TRP A 378 -7.26 -8.52 8.70
CA TRP A 378 -7.81 -7.14 8.83
C TRP A 378 -9.05 -6.93 7.98
N ASP A 379 -9.95 -6.09 8.50
CA ASP A 379 -11.16 -5.77 7.76
C ASP A 379 -11.03 -4.35 7.24
N ALA A 380 -11.88 -4.01 6.25
CA ALA A 380 -12.04 -2.65 5.68
C ALA A 380 -10.73 -2.04 5.21
N GLU A 381 -9.79 -2.85 4.79
CA GLU A 381 -8.56 -2.30 4.23
C GLU A 381 -8.91 -1.51 3.00
N GLU A 382 -9.87 -2.02 2.23
CA GLU A 382 -10.16 -1.35 0.94
C GLU A 382 -10.82 0.01 1.07
N PHE A 383 -11.29 0.33 2.27
CA PHE A 383 -11.90 1.61 2.53
C PHE A 383 -10.99 2.56 3.27
N GLY A 384 -9.68 2.23 3.29
CA GLY A 384 -8.69 3.16 3.85
C GLY A 384 -7.87 2.61 5.00
N LEU A 385 -7.58 1.31 4.95
CA LEU A 385 -6.69 0.69 5.94
C LEU A 385 -7.36 0.81 7.33
N LEU A 386 -8.69 0.70 7.35
CA LEU A 386 -9.44 1.09 8.56
C LEU A 386 -9.26 0.09 9.69
N GLY A 387 -9.34 -1.19 9.38
CA GLY A 387 -9.22 -2.24 10.42
C GLY A 387 -7.88 -2.29 11.11
N SER A 388 -6.81 -2.32 10.33
CA SER A 388 -5.47 -2.36 10.90
C SER A 388 -5.23 -1.06 11.69
N THR A 389 -5.65 0.08 11.13
CA THR A 389 -5.34 1.38 11.80
C THR A 389 -6.11 1.51 13.12
N GLU A 390 -7.40 1.14 13.15
CA GLU A 390 -8.17 1.25 14.42
C GLU A 390 -7.59 0.34 15.45
N TRP A 391 -7.23 -0.89 15.03
CA TRP A 391 -6.67 -1.83 16.02
C TRP A 391 -5.30 -1.33 16.57
N ALA A 392 -4.47 -0.76 15.69
CA ALA A 392 -3.21 -0.22 16.14
C ALA A 392 -3.43 1.02 17.04
N GLU A 393 -4.44 1.84 16.72
CA GLU A 393 -4.78 2.96 17.63
C GLU A 393 -5.19 2.45 19.04
N GLU A 394 -5.98 1.38 19.06
CA GLU A 394 -6.38 0.81 20.33
C GLU A 394 -5.18 0.28 21.11
N ASN A 395 -4.26 -0.38 20.40
CA ASN A 395 -3.15 -1.09 21.03
C ASN A 395 -1.80 -0.42 20.91
N SER A 396 -1.81 0.87 20.61
CA SER A 396 -0.57 1.59 20.31
C SER A 396 0.48 1.49 21.42
N ARG A 397 0.09 1.54 22.69
CA ARG A 397 1.09 1.46 23.75
C ARG A 397 1.80 0.07 23.80
N LEU A 398 1.02 -1.00 23.60
CA LEU A 398 1.61 -2.33 23.54
C LEU A 398 2.52 -2.44 22.33
N LEU A 399 2.06 -1.90 21.18
CA LEU A 399 2.83 -2.05 19.96
C LEU A 399 4.13 -1.26 20.01
N GLN A 400 4.02 -0.03 20.54
N GLN A 400 4.11 -0.04 20.51
CA GLN A 400 5.13 0.89 20.80
CA GLN A 400 5.37 0.66 20.45
C GLN A 400 6.27 0.18 21.51
C GLN A 400 6.37 0.21 21.55
N GLU A 401 5.92 -0.43 22.63
CA GLU A 401 6.92 -0.91 23.56
C GLU A 401 7.31 -2.36 23.31
N ARG A 402 6.50 -3.09 22.54
CA ARG A 402 6.73 -4.54 22.39
C ARG A 402 6.83 -5.04 20.95
N GLY A 403 6.58 -4.16 19.97
CA GLY A 403 6.45 -4.60 18.56
C GLY A 403 7.84 -4.75 17.95
N VAL A 404 8.20 -5.99 17.61
CA VAL A 404 9.46 -6.25 16.94
C VAL A 404 9.42 -5.98 15.44
N ALA A 405 8.38 -6.49 14.80
CA ALA A 405 8.27 -6.41 13.36
C ALA A 405 6.88 -6.71 12.90
N TYR A 406 6.55 -6.12 11.74
CA TYR A 406 5.27 -6.39 11.10
C TYR A 406 5.58 -6.87 9.67
N ILE A 407 5.06 -8.06 9.32
CA ILE A 407 5.12 -8.57 7.97
C ILE A 407 3.72 -8.54 7.34
N ASN A 408 3.58 -7.81 6.24
CA ASN A 408 2.26 -7.72 5.60
C ASN A 408 1.98 -8.98 4.75
N ALA A 409 0.73 -9.21 4.40
CA ALA A 409 0.36 -10.42 3.64
C ALA A 409 -0.91 -10.19 2.85
N ASP A 410 -0.84 -9.20 1.96
CA ASP A 410 -1.88 -8.98 0.97
C ASP A 410 -1.52 -9.84 -0.25
N SER A 411 -2.09 -9.53 -1.41
CA SER A 411 -1.93 -10.30 -2.67
C SER A 411 -0.54 -10.97 -2.78
N SER A 412 -0.54 -12.29 -2.89
CA SER A 412 0.75 -13.02 -3.03
C SER A 412 1.36 -12.91 -4.44
N ILE A 413 0.55 -12.60 -5.44
CA ILE A 413 1.00 -12.60 -6.83
C ILE A 413 0.37 -11.42 -7.56
N GLU A 414 1.10 -10.80 -8.46
CA GLU A 414 0.50 -9.92 -9.46
C GLU A 414 1.14 -10.24 -10.80
N GLY A 415 1.86 -11.36 -10.84
CA GLY A 415 2.55 -11.87 -12.03
C GLY A 415 3.25 -13.16 -11.65
N ASN A 416 4.03 -13.70 -12.56
CA ASN A 416 4.67 -14.99 -12.32
C ASN A 416 6.15 -14.97 -12.72
N TYR A 417 6.74 -13.79 -12.66
CA TYR A 417 8.07 -13.57 -13.18
C TYR A 417 9.18 -13.68 -12.12
N THR A 418 9.08 -12.87 -11.05
CA THR A 418 10.12 -12.95 -10.03
C THR A 418 9.59 -12.38 -8.71
N LEU A 419 10.41 -12.47 -7.69
CA LEU A 419 10.07 -11.92 -6.37
C LEU A 419 10.12 -10.41 -6.35
N ARG A 420 9.27 -9.81 -5.50
CA ARG A 420 9.32 -8.37 -5.26
C ARG A 420 9.30 -8.22 -3.71
N VAL A 421 10.27 -7.49 -3.16
CA VAL A 421 10.32 -7.28 -1.70
C VAL A 421 10.39 -5.75 -1.45
N ASP A 422 9.54 -5.23 -0.55
CA ASP A 422 9.65 -3.82 -0.08
C ASP A 422 9.78 -3.94 1.44
N CYS A 423 10.82 -3.34 2.02
CA CYS A 423 10.99 -3.46 3.47
C CYS A 423 11.92 -2.39 4.01
N THR A 424 11.94 -2.26 5.32
CA THR A 424 12.95 -1.47 5.98
C THR A 424 14.35 -2.03 5.70
N PRO A 425 15.35 -1.15 5.58
CA PRO A 425 16.73 -1.66 5.48
C PRO A 425 17.11 -2.64 6.59
N LEU A 426 16.48 -2.54 7.77
CA LEU A 426 16.82 -3.47 8.86
C LEU A 426 16.55 -4.93 8.49
N MET A 427 15.72 -5.17 7.48
CA MET A 427 15.43 -6.54 7.07
C MET A 427 16.19 -7.00 5.83
N TYR A 428 17.04 -6.14 5.25
CA TYR A 428 17.69 -6.54 3.97
C TYR A 428 18.50 -7.83 4.11
N SER A 429 19.32 -7.92 5.17
CA SER A 429 20.20 -9.08 5.36
C SER A 429 19.40 -10.33 5.65
N LEU A 430 18.38 -10.22 6.49
CA LEU A 430 17.43 -11.31 6.70
C LEU A 430 16.88 -11.84 5.38
N VAL A 431 16.42 -10.94 4.49
CA VAL A 431 15.77 -11.37 3.26
C VAL A 431 16.82 -12.01 2.35
N HIS A 432 17.99 -11.41 2.24
CA HIS A 432 19.05 -12.06 1.40
C HIS A 432 19.34 -13.46 1.92
N ASN A 433 19.54 -13.59 3.23
CA ASN A 433 19.90 -14.90 3.80
C ASN A 433 18.80 -15.94 3.65
N LEU A 434 17.57 -15.53 3.88
CA LEU A 434 16.47 -16.46 3.73
C LEU A 434 16.31 -16.94 2.29
N THR A 435 16.36 -16.02 1.32
CA THR A 435 16.09 -16.41 -0.06
C THR A 435 17.23 -17.26 -0.64
N LYS A 436 18.40 -17.22 0.00
CA LYS A 436 19.51 -18.11 -0.45
C LYS A 436 19.25 -19.55 -0.03
N GLU A 437 18.33 -19.76 0.89
CA GLU A 437 18.04 -21.08 1.48
C GLU A 437 16.77 -21.66 0.92
N LEU A 438 16.04 -20.88 0.12
CA LEU A 438 14.80 -21.33 -0.54
C LEU A 438 15.04 -21.69 -1.99
N LYS A 439 14.26 -22.64 -2.48
CA LYS A 439 14.35 -23.13 -3.86
C LYS A 439 13.65 -22.17 -4.80
N SER A 440 14.28 -21.82 -5.93
CA SER A 440 13.56 -21.04 -6.94
C SER A 440 12.43 -21.84 -7.59
N PRO A 441 11.22 -21.23 -7.71
CA PRO A 441 10.17 -21.93 -8.43
C PRO A 441 10.21 -21.66 -9.94
N ASP A 442 11.21 -20.90 -10.42
CA ASP A 442 11.12 -20.36 -11.80
C ASP A 442 11.61 -21.43 -12.78
N GLU A 443 11.01 -21.44 -13.96
CA GLU A 443 11.47 -22.29 -15.07
C GLU A 443 12.89 -21.86 -15.46
N GLY A 444 13.79 -22.84 -15.60
CA GLY A 444 15.13 -22.52 -16.00
C GLY A 444 16.04 -22.33 -14.82
N PHE A 445 15.48 -22.37 -13.61
CA PHE A 445 16.26 -22.23 -12.38
C PHE A 445 16.00 -23.41 -11.47
N GLU A 446 15.58 -24.53 -12.02
CA GLU A 446 15.39 -25.68 -11.13
C GLU A 446 16.70 -26.06 -10.45
N GLY A 447 16.63 -26.31 -9.14
CA GLY A 447 17.85 -26.63 -8.38
C GLY A 447 18.67 -25.42 -7.95
N LYS A 448 18.23 -24.23 -8.33
CA LYS A 448 18.89 -22.99 -7.94
C LYS A 448 18.10 -22.33 -6.80
N SER A 449 18.74 -21.41 -6.09
CA SER A 449 18.07 -20.71 -4.98
C SER A 449 17.15 -19.62 -5.51
N LEU A 450 16.17 -19.26 -4.69
CA LEU A 450 15.33 -18.10 -5.03
C LEU A 450 16.19 -16.83 -5.12
N TYR A 451 17.20 -16.70 -4.25
CA TYR A 451 18.09 -15.55 -4.33
C TYR A 451 18.72 -15.42 -5.71
N GLU A 452 19.18 -16.55 -6.25
CA GLU A 452 19.82 -16.53 -7.56
C GLU A 452 18.85 -16.08 -8.67
N SER A 453 17.65 -16.65 -8.70
CA SER A 453 16.69 -16.32 -9.76
C SER A 453 16.24 -14.85 -9.63
N TRP A 454 15.99 -14.46 -8.38
CA TRP A 454 15.52 -13.13 -8.07
C TRP A 454 16.59 -12.09 -8.46
N THR A 455 17.83 -12.37 -8.07
CA THR A 455 18.93 -11.49 -8.40
C THR A 455 19.15 -11.38 -9.91
N LYS A 456 19.09 -12.51 -10.63
CA LYS A 456 19.17 -12.48 -12.08
C LYS A 456 18.05 -11.66 -12.73
N LYS A 457 16.81 -11.88 -12.34
CA LYS A 457 15.64 -11.22 -12.98
C LYS A 457 15.37 -9.78 -12.52
N SER A 458 15.81 -9.43 -11.32
CA SER A 458 15.56 -8.11 -10.76
C SER A 458 16.82 -7.57 -10.11
N PRO A 459 17.86 -7.29 -10.92
CA PRO A 459 19.12 -6.88 -10.29
C PRO A 459 18.98 -5.54 -9.57
N SER A 460 19.71 -5.39 -8.49
CA SER A 460 19.83 -4.11 -7.83
C SER A 460 20.44 -3.09 -8.77
N PRO A 461 19.90 -1.85 -8.79
CA PRO A 461 20.49 -0.80 -9.63
C PRO A 461 21.86 -0.32 -9.17
N GLU A 462 22.24 -0.61 -7.93
CA GLU A 462 23.55 -0.14 -7.43
C GLU A 462 24.60 -1.19 -7.10
N PHE A 463 24.20 -2.44 -6.86
CA PHE A 463 25.17 -3.47 -6.44
C PHE A 463 25.04 -4.75 -7.27
N SER A 464 26.15 -5.13 -7.90
CA SER A 464 26.15 -6.33 -8.73
C SER A 464 26.03 -7.54 -7.82
N GLY A 465 25.28 -8.55 -8.27
CA GLY A 465 25.15 -9.82 -7.54
C GLY A 465 24.17 -9.73 -6.38
N MET A 466 23.46 -8.60 -6.30
CA MET A 466 22.37 -8.42 -5.31
C MET A 466 21.03 -8.07 -5.98
N PRO A 467 19.91 -8.45 -5.35
CA PRO A 467 18.58 -8.13 -5.88
C PRO A 467 18.05 -6.73 -5.54
N ARG A 468 17.09 -6.25 -6.32
CA ARG A 468 16.40 -5.00 -6.00
C ARG A 468 15.48 -5.21 -4.79
N ILE A 469 15.58 -4.30 -3.83
CA ILE A 469 14.60 -4.24 -2.71
C ILE A 469 14.17 -2.78 -2.57
N SER A 470 12.87 -2.56 -2.57
CA SER A 470 12.31 -1.23 -2.61
C SER A 470 11.96 -0.74 -1.22
N LYS A 471 11.83 0.59 -1.14
N LYS A 471 11.85 0.58 -1.09
CA LYS A 471 11.27 1.27 0.04
CA LYS A 471 11.36 1.17 0.16
C LYS A 471 9.85 0.80 0.25
C LYS A 471 9.85 1.00 0.25
N LEU A 472 9.34 0.96 1.47
CA LEU A 472 7.92 0.83 1.73
C LEU A 472 7.28 2.11 1.36
N GLY A 473 6.24 2.00 0.52
CA GLY A 473 5.37 3.15 0.25
C GLY A 473 4.20 3.09 1.20
N SER A 474 2.98 3.22 0.68
CA SER A 474 1.80 3.01 1.51
C SER A 474 0.69 2.46 0.66
N GLY A 475 -0.55 2.61 1.09
CA GLY A 475 -1.65 1.93 0.36
C GLY A 475 -1.84 0.49 0.80
N ASN A 476 -1.33 0.14 1.98
CA ASN A 476 -1.62 -1.19 2.53
C ASN A 476 -1.48 -1.17 4.02
N ASP A 477 -1.75 -2.31 4.67
CA ASP A 477 -1.98 -2.37 6.13
C ASP A 477 -0.74 -2.21 6.98
N PHE A 478 0.45 -2.22 6.38
CA PHE A 478 1.64 -1.92 7.19
C PHE A 478 1.75 -0.44 7.54
N GLU A 479 0.93 0.42 6.92
CA GLU A 479 1.17 1.88 7.06
C GLU A 479 1.18 2.33 8.54
N VAL A 480 0.19 1.91 9.32
CA VAL A 480 0.12 2.41 10.70
C VAL A 480 1.33 1.88 11.50
N PHE A 481 1.70 0.62 11.25
CA PHE A 481 2.83 0.05 12.01
C PHE A 481 4.15 0.70 11.68
N PHE A 482 4.38 1.00 10.40
CA PHE A 482 5.68 1.56 9.99
C PHE A 482 5.76 3.10 10.08
N GLN A 483 4.88 3.75 9.35
CA GLN A 483 4.94 5.24 9.24
C GLN A 483 4.40 5.99 10.48
N ARG A 484 3.43 5.39 11.18
CA ARG A 484 3.00 5.99 12.44
C ARG A 484 3.75 5.55 13.65
N LEU A 485 3.90 4.22 13.84
CA LEU A 485 4.45 3.71 15.10
C LEU A 485 5.95 3.38 15.04
N GLY A 486 6.52 3.27 13.84
CA GLY A 486 7.97 3.01 13.70
C GLY A 486 8.35 1.59 14.08
N ILE A 487 7.52 0.64 13.64
CA ILE A 487 7.86 -0.81 13.83
C ILE A 487 8.41 -1.33 12.48
N ALA A 488 9.59 -1.94 12.53
CA ALA A 488 10.23 -2.53 11.33
C ALA A 488 9.24 -3.35 10.54
N SER A 489 9.08 -3.07 9.22
CA SER A 489 7.99 -3.69 8.48
C SER A 489 8.56 -4.22 7.14
N GLY A 490 7.88 -5.23 6.63
CA GLY A 490 8.30 -5.74 5.29
C GLY A 490 7.16 -6.42 4.56
N ARG A 491 7.36 -6.63 3.26
CA ARG A 491 6.36 -7.35 2.46
C ARG A 491 7.09 -8.05 1.29
N ALA A 492 6.48 -9.10 0.78
CA ALA A 492 7.11 -9.88 -0.31
C ALA A 492 5.97 -10.48 -1.13
N ARG A 493 6.12 -10.45 -2.45
N ARG A 493 6.11 -10.50 -2.45
CA ARG A 493 5.13 -11.04 -3.37
CA ARG A 493 5.16 -11.21 -3.30
C ARG A 493 5.79 -11.37 -4.71
C ARG A 493 5.86 -11.56 -4.59
N TYR A 494 5.14 -12.23 -5.49
CA TYR A 494 5.58 -12.44 -6.87
C TYR A 494 5.00 -11.40 -7.79
N THR A 495 5.84 -10.95 -8.73
CA THR A 495 5.48 -9.85 -9.59
C THR A 495 5.77 -10.20 -11.06
N LYS A 496 5.42 -9.27 -11.94
CA LYS A 496 5.62 -9.42 -13.38
C LYS A 496 6.97 -8.79 -13.76
N ASN A 497 7.34 -8.93 -15.02
CA ASN A 497 8.51 -8.24 -15.58
C ASN A 497 8.04 -6.93 -16.13
N TRP A 498 8.39 -5.83 -15.45
CA TRP A 498 7.93 -4.51 -15.91
C TRP A 498 8.34 -4.15 -17.36
N GLU A 499 9.57 -4.51 -17.73
CA GLU A 499 10.14 -4.06 -19.00
C GLU A 499 9.56 -4.72 -20.28
N THR A 500 8.66 -5.69 -20.14
CA THR A 500 7.99 -6.28 -21.31
C THR A 500 6.49 -5.98 -21.32
N ASN A 501 6.09 -5.02 -20.49
CA ASN A 501 4.71 -4.80 -20.11
C ASN A 501 4.33 -3.30 -20.08
N GLY A 505 -0.89 -2.53 -11.74
CA GLY A 505 -0.11 -3.79 -11.76
C GLY A 505 -0.70 -4.94 -12.56
N TYR A 506 -1.88 -5.44 -12.17
CA TYR A 506 -2.50 -6.44 -13.02
C TYR A 506 -3.83 -5.93 -13.62
N PRO A 507 -4.15 -6.36 -14.86
CA PRO A 507 -5.28 -5.72 -15.49
C PRO A 507 -6.63 -5.82 -14.79
N LEU A 508 -6.89 -6.91 -14.10
CA LEU A 508 -8.27 -7.19 -13.61
C LEU A 508 -8.42 -6.71 -12.16
N TYR A 509 -7.43 -5.97 -11.69
CA TYR A 509 -7.50 -5.37 -10.30
C TYR A 509 -8.81 -4.69 -9.97
N HIS A 510 -9.47 -5.15 -8.90
CA HIS A 510 -10.73 -4.54 -8.33
C HIS A 510 -11.98 -4.67 -9.24
N SER A 511 -11.91 -5.59 -10.21
CA SER A 511 -13.00 -5.86 -11.11
C SER A 511 -13.70 -7.21 -10.66
N VAL A 512 -14.96 -7.39 -11.05
CA VAL A 512 -15.69 -8.65 -10.83
C VAL A 512 -14.91 -9.83 -11.46
N TYR A 513 -14.02 -9.53 -12.41
CA TYR A 513 -13.31 -10.63 -13.14
C TYR A 513 -12.15 -11.18 -12.33
N GLU A 514 -11.80 -10.52 -11.19
CA GLU A 514 -10.70 -11.06 -10.38
C GLU A 514 -11.18 -12.20 -9.51
N THR A 515 -11.04 -13.44 -10.01
CA THR A 515 -11.65 -14.61 -9.42
C THR A 515 -10.64 -15.69 -9.13
N TYR A 516 -11.10 -16.74 -8.46
CA TYR A 516 -10.31 -17.94 -8.28
C TYR A 516 -9.81 -18.46 -9.67
N GLU A 517 -10.70 -18.48 -10.65
CA GLU A 517 -10.31 -19.04 -11.98
C GLU A 517 -9.22 -18.23 -12.65
N LEU A 518 -9.26 -16.91 -12.48
CA LEU A 518 -8.17 -16.09 -12.98
C LEU A 518 -6.84 -16.59 -12.49
N VAL A 519 -6.75 -16.84 -11.18
CA VAL A 519 -5.48 -17.26 -10.59
C VAL A 519 -5.08 -18.70 -11.03
N GLU A 520 -6.03 -19.63 -10.89
CA GLU A 520 -5.82 -21.05 -11.15
C GLU A 520 -5.54 -21.29 -12.65
N LYS A 521 -6.21 -20.53 -13.52
CA LYS A 521 -6.02 -20.72 -14.97
C LYS A 521 -4.80 -19.99 -15.54
N PHE A 522 -4.57 -18.74 -15.12
CA PHE A 522 -3.64 -17.86 -15.82
C PHE A 522 -2.41 -17.41 -15.04
N TYR A 523 -2.47 -17.40 -13.71
CA TYR A 523 -1.32 -16.92 -12.92
C TYR A 523 -0.49 -18.02 -12.31
N ASP A 524 -1.12 -19.01 -11.68
CA ASP A 524 -0.30 -19.92 -10.87
C ASP A 524 -0.98 -21.25 -10.73
N PRO A 525 -1.11 -21.98 -11.87
CA PRO A 525 -1.91 -23.20 -11.86
C PRO A 525 -1.44 -24.23 -10.86
N MET A 526 -0.13 -24.29 -10.61
N MET A 526 -0.13 -24.29 -10.61
CA MET A 526 0.44 -25.27 -9.66
CA MET A 526 0.44 -25.27 -9.67
C MET A 526 0.66 -24.68 -8.26
C MET A 526 0.42 -24.75 -8.22
N PHE A 527 0.23 -23.43 -8.07
CA PHE A 527 0.34 -22.77 -6.76
C PHE A 527 1.77 -22.78 -6.19
N LYS A 528 2.72 -22.88 -7.10
CA LYS A 528 4.12 -22.85 -6.70
C LYS A 528 4.62 -21.43 -6.39
N TYR A 529 4.12 -20.41 -7.06
CA TYR A 529 4.53 -19.04 -6.70
C TYR A 529 3.91 -18.68 -5.36
N HIS A 530 2.64 -19.06 -5.13
CA HIS A 530 2.03 -18.91 -3.78
C HIS A 530 2.86 -19.60 -2.70
N LEU A 531 3.25 -20.85 -2.96
CA LEU A 531 4.06 -21.55 -1.98
C LEU A 531 5.38 -20.82 -1.70
N THR A 532 6.06 -20.34 -2.73
CA THR A 532 7.33 -19.60 -2.57
C THR A 532 7.11 -18.34 -1.74
N VAL A 533 6.02 -17.66 -2.02
CA VAL A 533 5.68 -16.46 -1.20
C VAL A 533 5.37 -16.85 0.25
N ALA A 534 4.64 -17.95 0.46
CA ALA A 534 4.42 -18.43 1.84
C ALA A 534 5.73 -18.75 2.55
N GLN A 535 6.67 -19.33 1.83
CA GLN A 535 7.98 -19.61 2.44
C GLN A 535 8.77 -18.32 2.79
N VAL A 536 8.66 -17.30 1.94
CA VAL A 536 9.37 -16.06 2.23
C VAL A 536 8.67 -15.37 3.42
N ARG A 537 7.36 -15.20 3.38
CA ARG A 537 6.70 -14.49 4.49
C ARG A 537 6.81 -15.26 5.78
N GLY A 538 6.49 -16.56 5.71
CA GLY A 538 6.54 -17.41 6.88
C GLY A 538 7.96 -17.58 7.41
N GLY A 539 8.94 -17.70 6.53
CA GLY A 539 10.33 -17.78 6.95
C GLY A 539 10.78 -16.50 7.66
N MET A 540 10.38 -15.36 7.12
CA MET A 540 10.73 -14.09 7.79
C MET A 540 10.17 -14.05 9.19
N VAL A 541 8.88 -14.39 9.34
CA VAL A 541 8.24 -14.43 10.63
C VAL A 541 8.94 -15.43 11.57
N PHE A 542 9.26 -16.64 11.05
CA PHE A 542 9.94 -17.62 11.87
C PHE A 542 11.24 -17.06 12.44
N GLU A 543 12.05 -16.46 11.59
CA GLU A 543 13.36 -15.96 12.02
C GLU A 543 13.19 -14.79 13.01
N LEU A 544 12.29 -13.86 12.67
CA LEU A 544 12.04 -12.75 13.59
C LEU A 544 11.55 -13.22 14.97
N ALA A 545 10.70 -14.26 14.99
CA ALA A 545 10.12 -14.71 16.28
C ALA A 545 11.04 -15.66 17.00
N ASN A 546 12.03 -16.20 16.30
CA ASN A 546 12.88 -17.28 16.89
C ASN A 546 14.34 -17.07 17.04
N SER A 547 14.92 -16.21 16.23
CA SER A 547 16.35 -15.97 16.31
C SER A 547 16.72 -15.40 17.68
N ILE A 548 17.81 -15.89 18.24
CA ILE A 548 18.18 -15.40 19.56
C ILE A 548 18.43 -13.90 19.58
N VAL A 549 19.27 -13.49 18.63
CA VAL A 549 19.55 -12.10 18.34
C VAL A 549 18.57 -11.69 17.20
N LEU A 550 17.80 -10.62 17.40
CA LEU A 550 16.93 -10.14 16.32
C LEU A 550 17.71 -10.03 14.99
N PRO A 551 17.13 -10.48 13.88
CA PRO A 551 17.87 -10.54 12.60
C PRO A 551 17.78 -9.21 11.83
N PHE A 552 18.22 -8.13 12.49
CA PHE A 552 18.25 -6.82 11.90
C PHE A 552 19.72 -6.42 11.81
N ASP A 553 20.10 -5.81 10.70
CA ASP A 553 21.50 -5.30 10.58
C ASP A 553 21.45 -3.77 10.46
N CYS A 554 21.71 -3.06 11.56
N CYS A 554 21.81 -3.07 11.53
CA CYS A 554 21.73 -1.59 11.52
CA CYS A 554 21.80 -1.61 11.56
C CYS A 554 22.64 -1.01 10.45
C CYS A 554 22.81 -0.94 10.63
N ARG A 555 23.72 -1.71 10.05
CA ARG A 555 24.66 -1.16 9.06
C ARG A 555 24.00 -0.96 7.69
N ASP A 556 22.97 -1.75 7.39
CA ASP A 556 22.24 -1.58 6.14
C ASP A 556 21.45 -0.24 6.17
N TYR A 557 20.97 0.17 7.33
CA TYR A 557 20.32 1.49 7.39
C TYR A 557 21.38 2.55 7.12
N ALA A 558 22.59 2.39 7.63
CA ALA A 558 23.63 3.44 7.43
C ALA A 558 23.90 3.65 5.92
N VAL A 559 23.99 2.56 5.18
CA VAL A 559 24.23 2.63 3.73
C VAL A 559 23.10 3.40 3.00
N VAL A 560 21.86 3.06 3.33
N VAL A 560 21.85 3.07 3.31
CA VAL A 560 20.74 3.66 2.65
CA VAL A 560 20.75 3.72 2.61
C VAL A 560 20.57 5.15 3.04
C VAL A 560 20.65 5.20 3.01
N LEU A 561 20.93 5.50 4.28
CA LEU A 561 20.83 6.89 4.75
C LEU A 561 21.78 7.77 3.95
N ARG A 562 22.95 7.22 3.61
CA ARG A 562 23.90 8.00 2.79
C ARG A 562 23.40 8.19 1.38
N LYS A 563 22.87 7.11 0.78
CA LYS A 563 22.21 7.21 -0.49
C LYS A 563 21.09 8.27 -0.47
N TYR A 564 20.21 8.25 0.55
CA TYR A 564 19.12 9.25 0.55
C TYR A 564 19.66 10.66 0.80
N ALA A 565 20.70 10.77 1.60
CA ALA A 565 21.30 12.10 1.83
C ALA A 565 21.90 12.67 0.52
N ASP A 566 22.67 11.83 -0.19
CA ASP A 566 23.13 12.25 -1.53
C ASP A 566 21.98 12.69 -2.46
N LYS A 567 20.88 11.93 -2.45
CA LYS A 567 19.77 12.21 -3.32
C LYS A 567 19.12 13.56 -3.02
N ILE A 568 18.82 13.79 -1.76
CA ILE A 568 18.16 15.04 -1.38
C ILE A 568 19.09 16.25 -1.56
N TYR A 569 20.38 16.09 -1.22
CA TYR A 569 21.38 17.12 -1.55
C TYR A 569 21.36 17.45 -3.06
N SER A 570 21.31 16.43 -3.93
N SER A 570 21.31 16.42 -3.91
CA SER A 570 21.31 16.67 -5.39
CA SER A 570 21.31 16.63 -5.35
C SER A 570 20.07 17.34 -5.93
C SER A 570 20.12 17.45 -5.82
N ILE A 571 18.94 17.20 -5.24
CA ILE A 571 17.72 17.92 -5.61
C ILE A 571 17.92 19.39 -5.27
N SER A 572 18.44 19.64 -4.07
CA SER A 572 18.64 21.01 -3.63
C SER A 572 19.65 21.74 -4.48
N MET A 573 20.68 21.01 -4.90
CA MET A 573 21.77 21.61 -5.68
C MET A 573 21.41 22.06 -7.09
N LYS A 574 20.17 21.80 -7.50
CA LYS A 574 19.60 22.39 -8.72
C LYS A 574 19.34 23.90 -8.52
N HIS A 575 19.48 24.40 -7.29
CA HIS A 575 19.21 25.82 -6.92
C HIS A 575 20.43 26.45 -6.22
N PRO A 576 21.60 26.47 -6.92
CA PRO A 576 22.83 26.89 -6.24
C PRO A 576 22.76 28.33 -5.76
N GLN A 577 22.13 29.22 -6.55
CA GLN A 577 22.05 30.62 -6.13
C GLN A 577 21.28 30.77 -4.81
N GLU A 578 20.13 30.09 -4.69
CA GLU A 578 19.34 30.19 -3.45
C GLU A 578 20.07 29.59 -2.28
N MET A 579 20.81 28.51 -2.53
CA MET A 579 21.55 27.90 -1.42
C MET A 579 22.63 28.88 -0.91
N LYS A 580 23.24 29.66 -1.82
CA LYS A 580 24.20 30.69 -1.38
C LYS A 580 23.49 31.81 -0.61
N THR A 581 22.42 32.32 -1.20
CA THR A 581 21.65 33.43 -0.61
C THR A 581 21.15 33.15 0.77
N TYR A 582 20.58 31.95 0.96
CA TYR A 582 19.97 31.62 2.22
C TYR A 582 20.86 30.74 3.10
N SER A 583 22.12 30.51 2.67
CA SER A 583 23.07 29.70 3.47
C SER A 583 22.49 28.34 3.79
N VAL A 584 22.06 27.64 2.75
CA VAL A 584 21.40 26.31 2.94
C VAL A 584 22.52 25.26 2.94
N SER A 585 22.81 24.68 4.08
CA SER A 585 23.84 23.65 4.15
C SER A 585 23.26 22.27 4.55
N PHE A 586 23.74 21.23 3.88
CA PHE A 586 23.44 19.81 4.24
C PHE A 586 24.52 19.25 5.13
N ASP A 587 25.47 20.10 5.58
CA ASP A 587 26.57 19.56 6.40
C ASP A 587 26.12 18.78 7.62
N SER A 588 25.10 19.29 8.33
CA SER A 588 24.66 18.59 9.54
C SER A 588 24.08 17.22 9.22
N LEU A 589 23.34 17.12 8.11
CA LEU A 589 22.77 15.83 7.74
C LEU A 589 23.85 14.79 7.37
N PHE A 590 24.83 15.19 6.57
CA PHE A 590 25.91 14.27 6.27
C PHE A 590 26.69 13.89 7.50
N SER A 591 26.91 14.86 8.42
CA SER A 591 27.59 14.58 9.70
C SER A 591 26.83 13.52 10.51
N ALA A 592 25.52 13.69 10.58
CA ALA A 592 24.67 12.73 11.31
C ALA A 592 24.76 11.33 10.69
N VAL A 593 24.73 11.29 9.37
CA VAL A 593 24.81 9.98 8.62
C VAL A 593 26.19 9.33 8.86
N LYS A 594 27.26 10.14 8.80
CA LYS A 594 28.62 9.61 9.09
C LYS A 594 28.69 9.05 10.50
N ASN A 595 28.10 9.77 11.46
CA ASN A 595 28.06 9.31 12.82
C ASN A 595 27.25 8.02 12.96
N PHE A 596 26.07 7.96 12.31
CA PHE A 596 25.24 6.77 12.34
C PHE A 596 26.08 5.57 11.84
N THR A 597 26.80 5.79 10.72
CA THR A 597 27.65 4.72 10.12
C THR A 597 28.69 4.20 11.10
N GLU A 598 29.40 5.13 11.74
CA GLU A 598 30.43 4.80 12.75
C GLU A 598 29.85 4.07 13.95
N ILE A 599 28.76 4.60 14.53
CA ILE A 599 28.16 3.99 15.70
C ILE A 599 27.56 2.63 15.37
N ALA A 600 26.92 2.52 14.20
CA ALA A 600 26.32 1.23 13.79
C ALA A 600 27.42 0.18 13.65
N SER A 601 28.56 0.59 13.10
CA SER A 601 29.69 -0.36 12.93
C SER A 601 30.18 -0.86 14.30
N LYS A 602 30.37 0.06 15.23
CA LYS A 602 30.76 -0.31 16.59
C LYS A 602 29.72 -1.18 17.29
N PHE A 603 28.44 -0.84 17.13
CA PHE A 603 27.39 -1.65 17.73
C PHE A 603 27.41 -3.08 17.17
N SER A 604 27.58 -3.21 15.85
CA SER A 604 27.66 -4.54 15.23
C SER A 604 28.80 -5.39 15.81
N GLU A 605 29.95 -4.77 16.04
CA GLU A 605 31.10 -5.47 16.67
C GLU A 605 30.71 -5.99 18.06
N ARG A 606 30.04 -5.14 18.87
CA ARG A 606 29.62 -5.61 20.19
C ARG A 606 28.61 -6.71 20.12
N LEU A 607 27.74 -6.68 19.12
CA LEU A 607 26.65 -7.63 18.99
C LEU A 607 27.24 -9.00 18.67
N GLN A 608 28.35 -9.01 17.97
CA GLN A 608 28.90 -10.30 17.69
C GLN A 608 29.86 -10.76 18.76
N ASP A 609 30.47 -9.82 19.47
CA ASP A 609 31.48 -10.04 20.53
C ASP A 609 30.94 -10.19 21.96
N PHE A 610 29.66 -9.93 22.21
CA PHE A 610 29.18 -10.00 23.60
C PHE A 610 28.98 -11.43 24.06
N SER A 613 26.74 -15.65 26.96
N SER A 613 23.80 -16.25 26.53
CA SER A 613 25.90 -16.20 27.98
CA SER A 613 23.17 -17.01 27.65
C SER A 613 25.03 -15.19 28.79
C SER A 613 23.03 -16.16 28.94
N ASN A 614 25.08 -13.90 28.44
N ASN A 614 23.34 -14.87 28.83
CA ASN A 614 24.39 -12.87 29.23
CA ASN A 614 23.07 -13.96 29.94
C ASN A 614 23.08 -12.41 28.62
C ASN A 614 21.75 -13.26 29.59
N PRO A 615 21.94 -12.85 29.20
N PRO A 615 20.62 -13.69 30.20
CA PRO A 615 20.61 -12.59 28.61
CA PRO A 615 19.31 -13.18 29.74
C PRO A 615 20.22 -11.13 28.73
C PRO A 615 19.12 -11.65 29.76
N ILE A 616 20.77 -10.44 29.74
N ILE A 616 19.60 -10.94 30.78
CA ILE A 616 20.51 -9.00 29.94
CA ILE A 616 19.37 -9.48 30.76
C ILE A 616 21.20 -8.15 28.86
C ILE A 616 20.24 -8.76 29.74
N VAL A 617 22.48 -8.41 28.63
N VAL A 617 21.47 -9.24 29.57
CA VAL A 617 23.20 -7.77 27.52
CA VAL A 617 22.37 -8.64 28.55
C VAL A 617 22.54 -8.11 26.20
C VAL A 617 21.83 -8.88 27.14
N LEU A 618 22.17 -9.38 26.01
N LEU A 618 21.28 -10.05 26.89
CA LEU A 618 21.51 -9.77 24.77
CA LEU A 618 20.67 -10.34 25.60
C LEU A 618 20.21 -8.97 24.59
C LEU A 618 19.46 -9.42 25.41
N ARG A 619 19.36 -8.93 25.62
N ARG A 619 18.74 -9.16 26.50
CA ARG A 619 18.02 -8.34 25.49
CA ARG A 619 17.56 -8.32 26.40
C ARG A 619 18.19 -6.85 25.46
C ARG A 619 17.89 -6.85 25.97
N MET A 620 19.08 -6.33 26.32
CA MET A 620 19.48 -4.91 26.10
C MET A 620 19.83 -4.68 24.63
N MET A 621 20.63 -5.60 24.04
CA MET A 621 20.99 -5.43 22.64
C MET A 621 19.78 -5.68 21.72
N ASN A 622 18.93 -6.64 22.06
CA ASN A 622 17.75 -6.88 21.23
C ASN A 622 16.85 -5.65 21.34
N ASP A 623 16.80 -5.04 22.52
CA ASP A 623 15.96 -3.83 22.67
C ASP A 623 16.53 -2.70 21.81
N GLN A 624 17.86 -2.54 21.78
CA GLN A 624 18.48 -1.52 20.90
C GLN A 624 18.13 -1.82 19.45
N LEU A 625 18.13 -3.10 19.05
CA LEU A 625 17.72 -3.45 17.69
C LEU A 625 16.25 -3.14 17.41
N MET A 626 15.39 -3.46 18.38
CA MET A 626 13.93 -3.26 18.18
C MET A 626 13.59 -1.77 18.15
N PHE A 627 14.22 -1.00 19.01
CA PHE A 627 13.88 0.43 19.07
C PHE A 627 14.58 1.27 18.04
N LEU A 628 15.42 0.68 17.19
CA LEU A 628 16.12 1.48 16.19
C LEU A 628 15.17 2.05 15.13
N GLU A 629 14.27 1.22 14.59
CA GLU A 629 13.27 1.78 13.68
C GLU A 629 12.42 2.82 14.44
N ARG A 630 12.14 2.51 15.69
CA ARG A 630 11.35 3.42 16.54
C ARG A 630 11.99 4.80 16.67
N ALA A 631 13.31 4.85 16.61
CA ALA A 631 14.00 6.12 16.84
C ALA A 631 13.78 7.08 15.69
N PHE A 632 13.36 6.59 14.52
CA PHE A 632 13.11 7.51 13.38
C PHE A 632 11.78 8.21 13.43
N ILE A 633 10.96 7.89 14.44
CA ILE A 633 9.66 8.57 14.65
C ILE A 633 9.91 9.94 15.29
N ASP A 634 9.23 10.94 14.75
CA ASP A 634 9.16 12.28 15.33
C ASP A 634 7.74 12.43 15.89
N PRO A 635 7.61 12.64 17.20
CA PRO A 635 6.25 12.70 17.77
C PRO A 635 5.42 13.90 17.28
N LEU A 636 6.07 14.87 16.66
CA LEU A 636 5.30 16.00 16.09
C LEU A 636 4.76 15.73 14.67
N GLY A 637 5.17 14.60 14.07
CA GLY A 637 4.74 14.23 12.73
C GLY A 637 5.37 15.11 11.65
N LEU A 638 5.07 14.80 10.37
CA LEU A 638 5.48 15.66 9.27
C LEU A 638 4.48 16.81 9.08
N PRO A 639 4.89 17.90 8.40
CA PRO A 639 4.00 19.07 8.25
C PRO A 639 2.63 18.73 7.72
N ASP A 640 1.59 19.10 8.48
CA ASP A 640 0.19 18.87 8.08
C ASP A 640 -0.19 17.41 7.91
N ARG A 641 0.72 16.50 8.30
CA ARG A 641 0.43 15.05 8.23
C ARG A 641 0.86 14.42 9.58
N PRO A 642 0.05 14.65 10.62
CA PRO A 642 0.50 14.23 11.95
C PRO A 642 0.63 12.74 12.16
N PHE A 643 0.00 11.92 11.31
CA PHE A 643 0.11 10.45 11.42
C PHE A 643 1.20 9.84 10.57
N TYR A 644 1.94 10.69 9.82
CA TYR A 644 3.16 10.20 9.18
C TYR A 644 4.31 10.75 10.04
N ARG A 645 4.90 9.90 10.89
N ARG A 645 4.87 9.86 10.86
CA ARG A 645 5.85 10.41 11.89
CA ARG A 645 5.76 10.26 11.94
C ARG A 645 7.30 9.97 11.60
C ARG A 645 7.22 9.78 11.73
N HIS A 646 7.44 8.99 10.69
CA HIS A 646 8.78 8.49 10.35
C HIS A 646 9.53 9.59 9.52
N VAL A 647 10.74 9.95 9.92
CA VAL A 647 11.45 11.09 9.30
C VAL A 647 12.22 10.60 8.06
N ILE A 648 12.51 9.31 8.00
CA ILE A 648 13.25 8.82 6.79
C ILE A 648 12.31 8.49 5.62
N TYR A 649 11.13 7.91 5.90
CA TYR A 649 10.21 7.44 4.89
C TYR A 649 8.80 7.99 5.15
N ALA A 650 8.11 8.48 4.11
CA ALA A 650 6.67 8.69 4.19
C ALA A 650 6.11 8.34 2.83
N PRO A 651 4.80 8.11 2.76
CA PRO A 651 4.17 7.99 1.47
C PRO A 651 4.33 9.31 0.71
N SER A 652 4.62 9.21 -0.58
CA SER A 652 4.80 10.39 -1.37
C SER A 652 3.52 11.27 -1.30
N SER A 653 3.71 12.58 -1.11
N SER A 653 3.71 12.58 -1.12
CA SER A 653 2.52 13.50 -1.10
CA SER A 653 2.55 13.49 -1.09
C SER A 653 1.76 13.53 -2.45
C SER A 653 1.93 13.73 -2.47
N HIS A 654 2.41 13.01 -3.49
CA HIS A 654 1.82 13.02 -4.85
C HIS A 654 1.28 11.65 -5.23
N ASN A 655 1.55 10.64 -4.38
CA ASN A 655 1.19 9.26 -4.78
C ASN A 655 1.37 8.39 -3.55
N LYS A 656 0.28 8.13 -2.83
CA LYS A 656 0.33 7.34 -1.58
C LYS A 656 1.04 5.99 -1.74
N TYR A 657 1.00 5.42 -2.95
CA TYR A 657 1.62 4.09 -3.11
C TYR A 657 3.14 4.08 -3.06
N ALA A 658 3.77 5.21 -3.39
CA ALA A 658 5.22 5.29 -3.54
C ALA A 658 5.80 5.79 -2.22
N GLY A 659 6.95 5.25 -1.85
CA GLY A 659 7.67 5.82 -0.68
C GLY A 659 8.53 7.00 -1.14
N GLU A 660 8.69 7.98 -0.25
CA GLU A 660 9.61 9.09 -0.46
C GLU A 660 10.65 9.04 0.67
N SER A 661 11.95 9.26 0.39
CA SER A 661 12.92 9.37 1.42
C SER A 661 13.14 10.82 1.84
N PHE A 662 13.54 11.04 3.12
CA PHE A 662 13.63 12.41 3.73
C PHE A 662 12.44 13.26 3.24
N PRO A 663 11.20 12.77 3.48
CA PRO A 663 10.02 13.41 2.93
C PRO A 663 9.86 14.84 3.39
N GLY A 664 10.26 15.18 4.62
CA GLY A 664 10.04 16.57 5.09
C GLY A 664 10.89 17.50 4.22
N ILE A 665 12.14 17.12 3.94
CA ILE A 665 13.00 17.98 3.07
C ILE A 665 12.52 17.92 1.64
N TYR A 666 12.15 16.72 1.18
CA TYR A 666 11.67 16.59 -0.20
C TYR A 666 10.49 17.53 -0.50
N ASP A 667 9.48 17.46 0.36
CA ASP A 667 8.30 18.30 0.16
C ASP A 667 8.64 19.81 0.29
N ALA A 668 9.58 20.15 1.19
CA ALA A 668 9.97 21.58 1.28
C ALA A 668 10.67 22.06 -0.01
N LEU A 669 11.39 21.16 -0.66
CA LEU A 669 12.08 21.52 -1.94
C LEU A 669 11.19 21.43 -3.17
N PHE A 670 10.10 20.67 -3.07
CA PHE A 670 9.29 20.41 -4.27
C PHE A 670 8.67 21.68 -4.85
N ASP A 671 8.94 21.89 -6.13
CA ASP A 671 8.37 23.06 -6.87
C ASP A 671 8.72 24.38 -6.17
N ILE A 672 9.89 24.43 -5.49
CA ILE A 672 10.24 25.59 -4.67
C ILE A 672 10.42 26.87 -5.52
N GLU A 673 10.83 26.71 -6.77
CA GLU A 673 11.02 27.87 -7.67
C GLU A 673 9.71 28.61 -7.95
N SER A 674 8.57 28.01 -7.58
CA SER A 674 7.26 28.64 -7.76
C SER A 674 6.72 29.37 -6.55
N LYS A 675 7.40 29.27 -5.40
CA LYS A 675 6.89 29.86 -4.17
C LYS A 675 7.08 31.37 -4.21
N VAL A 676 6.11 32.12 -3.72
CA VAL A 676 6.19 33.58 -3.92
C VAL A 676 7.13 34.22 -2.90
N ASP A 677 7.38 33.53 -1.78
CA ASP A 677 8.28 34.05 -0.75
C ASP A 677 9.46 33.09 -0.57
N PRO A 678 10.52 33.24 -1.37
CA PRO A 678 11.62 32.28 -1.34
C PRO A 678 12.36 32.22 0.00
N SER A 679 12.47 33.37 0.68
CA SER A 679 13.13 33.40 1.95
C SER A 679 12.43 32.44 2.90
N LYS A 680 11.10 32.53 2.92
CA LYS A 680 10.33 31.68 3.78
C LYS A 680 10.46 30.18 3.34
N ALA A 681 10.41 29.94 2.03
CA ALA A 681 10.45 28.57 1.49
C ALA A 681 11.80 27.94 1.81
N TRP A 682 12.89 28.68 1.60
CA TRP A 682 14.22 28.14 1.91
C TRP A 682 14.48 27.98 3.42
N GLY A 683 13.88 28.85 4.23
CA GLY A 683 13.91 28.72 5.69
C GLY A 683 13.30 27.39 6.09
N GLU A 684 12.22 27.00 5.42
CA GLU A 684 11.55 25.74 5.77
C GLU A 684 12.40 24.54 5.27
N VAL A 685 13.09 24.69 4.12
CA VAL A 685 14.08 23.67 3.76
C VAL A 685 15.13 23.47 4.84
N LYS A 686 15.69 24.58 5.35
N LYS A 686 15.68 24.58 5.34
CA LYS A 686 16.68 24.48 6.43
CA LYS A 686 16.66 24.54 6.44
C LYS A 686 16.10 23.87 7.69
C LYS A 686 16.10 23.92 7.70
N ARG A 687 14.85 24.25 8.04
CA ARG A 687 14.23 23.65 9.21
C ARG A 687 14.15 22.13 9.04
N GLN A 688 13.77 21.67 7.86
CA GLN A 688 13.60 20.21 7.63
C GLN A 688 14.97 19.52 7.60
N ILE A 689 16.03 20.21 7.13
CA ILE A 689 17.37 19.62 7.22
C ILE A 689 17.76 19.41 8.70
N TYR A 690 17.52 20.41 9.54
CA TYR A 690 17.77 20.34 10.99
C TYR A 690 17.00 19.16 11.60
N VAL A 691 15.71 19.07 11.28
CA VAL A 691 14.91 17.93 11.86
C VAL A 691 15.49 16.56 11.45
N ALA A 692 15.82 16.45 10.16
CA ALA A 692 16.36 15.18 9.65
C ALA A 692 17.73 14.88 10.25
N ALA A 693 18.61 15.89 10.33
CA ALA A 693 19.98 15.60 10.92
C ALA A 693 19.85 15.20 12.39
N PHE A 694 19.01 15.95 13.11
CA PHE A 694 18.80 15.65 14.50
C PHE A 694 18.26 14.23 14.67
N THR A 695 17.28 13.84 13.87
CA THR A 695 16.63 12.52 14.05
C THR A 695 17.63 11.39 13.73
N VAL A 696 18.42 11.59 12.67
CA VAL A 696 19.45 10.57 12.33
C VAL A 696 20.46 10.44 13.46
N GLN A 697 20.95 11.57 13.98
CA GLN A 697 21.90 11.53 15.11
C GLN A 697 21.23 10.88 16.36
N ALA A 698 19.97 11.26 16.66
CA ALA A 698 19.31 10.66 17.81
C ALA A 698 19.15 9.14 17.64
N ALA A 699 18.80 8.71 16.44
CA ALA A 699 18.69 7.26 16.14
C ALA A 699 20.04 6.58 16.32
N ALA A 700 21.10 7.20 15.79
CA ALA A 700 22.47 6.65 15.98
C ALA A 700 22.80 6.46 17.46
N GLU A 701 22.44 7.49 18.27
CA GLU A 701 22.75 7.45 19.68
C GLU A 701 22.06 6.36 20.48
N THR A 702 20.91 5.86 19.98
CA THR A 702 20.27 4.71 20.62
C THR A 702 21.14 3.43 20.49
N LEU A 703 22.11 3.45 19.59
CA LEU A 703 23.00 2.30 19.37
C LEU A 703 24.32 2.45 20.10
N SER A 704 24.60 3.65 20.65
CA SER A 704 25.81 3.82 21.48
C SER A 704 25.73 2.97 22.74
N GLU A 705 26.86 2.77 23.43
CA GLU A 705 26.80 2.10 24.75
C GLU A 705 25.81 2.84 25.63
N VAL A 706 25.03 2.09 26.38
CA VAL A 706 23.84 2.72 27.04
C VAL A 706 24.19 3.52 28.31
N ALA A 707 25.41 3.34 28.83
CA ALA A 707 25.90 4.06 30.04
C ALA A 707 27.37 3.79 30.20
C1 NAG B . -15.03 -22.98 3.39
C2 NAG B . -16.40 -23.46 2.96
C3 NAG B . -17.33 -23.60 4.17
C4 NAG B . -16.68 -24.40 5.31
C5 NAG B . -15.24 -23.93 5.54
C6 NAG B . -14.49 -24.72 6.63
C7 NAG B . -17.05 -22.81 0.71
C8 NAG B . -17.70 -21.78 -0.14
N2 NAG B . -17.00 -22.53 2.03
O3 NAG B . -18.52 -24.25 3.76
O4 NAG B . -17.42 -24.11 6.48
O5 NAG B . -14.50 -23.91 4.34
O6 NAG B . -14.22 -26.04 6.21
O7 NAG B . -16.57 -23.83 0.22
C1 NAG B . -17.88 -25.36 7.08
C2 NAG B . -18.19 -25.16 8.58
C3 NAG B . -18.82 -26.42 9.19
C4 NAG B . -19.97 -27.00 8.35
C5 NAG B . -19.44 -27.17 6.91
C6 NAG B . -20.47 -27.73 5.93
C7 NAG B . -16.59 -23.69 9.82
C8 NAG B . -17.34 -22.48 9.42
N2 NAG B . -17.02 -24.87 9.38
O3 NAG B . -19.25 -26.12 10.50
O4 NAG B . -20.47 -28.22 8.90
O5 NAG B . -19.01 -25.89 6.41
O6 NAG B . -21.48 -26.77 5.76
O7 NAG B . -15.58 -23.55 10.57
C1 NAG C . -30.30 7.04 -19.80
C2 NAG C . -31.29 6.81 -20.95
C3 NAG C . -32.49 7.75 -20.80
C4 NAG C . -33.09 7.75 -19.40
C5 NAG C . -31.98 7.80 -18.30
C6 NAG C . -32.55 7.52 -16.90
C7 NAG C . -30.31 6.16 -23.07
C8 NAG C . -29.67 6.53 -24.36
N2 NAG C . -30.66 7.11 -22.21
O3 NAG C . -33.47 7.42 -21.79
O4 NAG C . -33.92 8.90 -19.33
O5 NAG C . -30.95 6.84 -18.56
O6 NAG C . -33.09 6.21 -16.84
O7 NAG C . -30.50 4.99 -22.81
C1 NAG C . -35.23 8.61 -18.80
C2 NAG C . -35.81 9.91 -18.23
C3 NAG C . -37.27 9.75 -17.77
C4 NAG C . -38.14 8.99 -18.76
C5 NAG C . -37.41 7.68 -19.13
C6 NAG C . -38.22 6.77 -20.05
C7 NAG C . -34.09 11.31 -17.20
C8 NAG C . -33.35 11.64 -15.93
N2 NAG C . -35.00 10.34 -17.10
O3 NAG C . -37.84 11.02 -17.56
O4 NAG C . -39.44 8.83 -18.19
O5 NAG C . -36.13 7.98 -19.72
O6 NAG C . -38.09 7.24 -21.37
O7 NAG C . -33.84 11.92 -18.24
C1 NAG D . 23.21 -13.40 7.13
C2 NAG D . 23.23 -12.93 8.58
C3 NAG D . 24.60 -12.43 8.92
C4 NAG D . 25.67 -13.49 8.59
C5 NAG D . 25.55 -13.91 7.13
C6 NAG D . 26.49 -15.06 6.69
C7 NAG D . 21.25 -11.85 9.57
C8 NAG D . 21.18 -13.07 10.43
N2 NAG D . 22.27 -11.82 8.75
O3 NAG D . 24.65 -12.13 10.29
O4 NAG D . 26.92 -12.88 8.81
O5 NAG D . 24.23 -14.39 6.96
O6 NAG D . 26.38 -16.15 7.60
O7 NAG D . 20.44 -10.88 9.73
C1 NAG D . 27.72 -13.71 9.67
C2 NAG D . 29.13 -13.12 9.60
C3 NAG D . 30.08 -13.87 10.52
C4 NAG D . 29.46 -13.95 11.93
C5 NAG D . 28.05 -14.57 11.81
C6 NAG D . 27.36 -14.80 13.15
C7 NAG D . 29.65 -12.15 7.41
C8 NAG D . 29.18 -10.79 7.81
N2 NAG D . 29.60 -13.20 8.24
O3 NAG D . 31.29 -13.15 10.53
O4 NAG D . 30.27 -14.76 12.75
O5 NAG D . 27.26 -13.70 11.01
O6 NAG D . 27.47 -13.62 13.91
O7 NAG D . 30.05 -12.32 6.25
C1 NAG E . 28.73 13.75 14.87
C2 NAG E . 27.84 14.91 15.37
C3 NAG E . 28.76 16.05 15.82
C4 NAG E . 29.77 15.58 16.88
C5 NAG E . 30.47 14.29 16.44
C6 NAG E . 31.29 13.73 17.62
C7 NAG E . 25.64 15.65 14.62
C8 NAG E . 24.83 16.04 13.42
N2 NAG E . 26.90 15.32 14.35
O3 NAG E . 27.95 17.05 16.38
O4 NAG E . 30.81 16.53 17.09
O5 NAG E . 29.49 13.37 16.01
O6 NAG E . 32.31 12.86 17.15
O7 NAG E . 25.16 15.61 15.75
C1 NAG E . 30.39 17.57 17.97
C2 NAG E . 31.43 17.89 19.01
C3 NAG E . 31.09 19.18 19.78
C4 NAG E . 30.83 20.29 18.76
C5 NAG E . 29.67 19.78 17.90
C6 NAG E . 29.11 20.79 16.91
C7 NAG E . 32.61 16.03 20.04
C8 NAG E . 33.74 16.26 19.08
N2 NAG E . 31.53 16.83 19.98
O3 NAG E . 32.21 19.48 20.60
O4 NAG E . 30.35 21.47 19.38
O5 NAG E . 30.17 18.69 17.16
O6 NAG E . 30.13 21.06 15.97
O7 NAG E . 32.66 15.13 20.88
C1 BMA E . 31.40 22.36 19.81
C2 BMA E . 30.91 23.80 19.60
C3 BMA E . 31.88 24.81 20.18
C4 BMA E . 32.15 24.42 21.63
C5 BMA E . 32.58 22.95 21.78
C6 BMA E . 32.71 22.49 23.22
O2 BMA E . 29.64 23.96 20.26
O3 BMA E . 31.23 26.08 20.09
O4 BMA E . 33.09 25.33 22.18
O5 BMA E . 31.60 22.08 21.17
O6 BMA E . 33.18 21.14 23.25
C1 MAN E . 32.16 27.10 19.62
C2 MAN E . 31.53 28.45 19.96
C3 MAN E . 30.29 28.69 19.12
C4 MAN E . 30.55 28.50 17.63
C5 MAN E . 31.28 27.16 17.39
C6 MAN E . 31.58 26.86 15.91
O2 MAN E . 32.49 29.43 19.65
O3 MAN E . 29.72 29.96 19.31
O4 MAN E . 29.30 28.52 16.94
O5 MAN E . 32.44 27.07 18.21
O6 MAN E . 32.65 27.66 15.44
C1 NAG F . -31.77 5.45 -2.01
C2 NAG F . -32.03 6.09 -0.67
C3 NAG F . -33.51 6.13 -0.34
C4 NAG F . -34.30 6.90 -1.42
C5 NAG F . -33.57 6.96 -2.79
C6 NAG F . -32.93 8.34 -3.09
C7 NAG F . -30.33 6.02 1.01
C8 NAG F . -30.12 7.48 0.71
N2 NAG F . -31.28 5.38 0.33
O3 NAG F . -33.62 6.85 0.86
O4 NAG F . -35.62 6.36 -1.54
O5 NAG F . -32.62 5.90 -3.05
O6 NAG F . -33.57 9.42 -2.43
O7 NAG F . -29.64 5.48 1.87
C1 NAG G . -10.14 29.83 -13.85
C2 NAG G . -9.38 31.05 -13.31
C3 NAG G . -10.08 31.50 -12.04
C4 NAG G . -11.45 32.00 -12.42
C5 NAG G . -12.30 30.89 -13.04
C6 NAG G . -13.37 31.56 -13.92
C7 NAG G . -6.99 31.03 -14.00
C8 NAG G . -5.59 30.74 -13.55
N2 NAG G . -7.95 30.81 -13.08
O3 NAG G . -9.34 32.51 -11.40
O4 NAG G . -12.11 32.54 -11.28
O5 NAG G . -11.57 29.97 -13.86
O6 NAG G . -14.66 31.14 -13.53
O7 NAG G . -7.20 31.44 -15.15
C1 NAG H . 3.05 -16.75 -16.73
C2 NAG H . 2.49 -15.45 -17.35
C3 NAG H . 2.55 -15.44 -18.89
C4 NAG H . 3.97 -15.76 -19.38
C5 NAG H . 4.45 -17.05 -18.72
C6 NAG H . 5.90 -17.39 -19.12
C7 NAG H . 0.83 -14.02 -16.24
C8 NAG H . -0.58 -13.84 -15.75
N2 NAG H . 1.14 -15.18 -16.82
O3 NAG H . 2.26 -14.16 -19.45
O4 NAG H . 4.03 -15.85 -20.81
O5 NAG H . 4.35 -16.98 -17.29
O6 NAG H . 6.71 -16.24 -19.05
O7 NAG H . 1.63 -13.10 -16.10
ZN ZN I . -7.46 -3.62 -3.30
ZN ZN J . -5.41 -5.57 -0.91
CA CA K . -9.71 5.99 14.77
CL CL L . 1.79 -7.52 0.84
OE1 2F7 M . -6.73 3.24 1.12
CD 2F7 M . -5.55 2.89 0.88
OE2 2F7 M . -4.54 3.44 1.34
CG 2F7 M . -5.28 1.72 -0.11
CB 2F7 M . -6.55 0.84 -0.28
CA 2F7 M . -6.33 -0.21 -1.41
C 2F7 M . -6.21 0.52 -2.75
OXT 2F7 M . -7.33 0.88 -3.24
O 2F7 M . -5.08 0.74 -3.23
N 2F7 M . -5.14 -1.10 -1.16
PBK 2F7 M . -4.91 -2.48 -2.12
OAL 2F7 M . -6.00 -2.42 -3.30
OAH 2F7 M . -5.12 -3.63 -1.29
OAY 2F7 M . -3.41 -2.52 -2.67
CAU 2F7 M . -2.84 -1.32 -3.01
CBI 2F7 M . -1.35 -1.48 -3.31
CBB 2F7 M . -0.61 -2.51 -2.45
OAK 2F7 M . -0.71 -3.72 -2.71
OAE 2F7 M . 0.09 -2.04 -1.58
NAW 2F7 M . -1.46 -1.89 -4.67
CBD 2F7 M . -0.86 -2.89 -5.23
OAG 2F7 M . -0.12 -3.73 -4.71
CBJ 2F7 M . -1.43 -2.90 -6.60
CBG 2F7 M . -1.79 -4.26 -7.24
CAB 2F7 M . -0.83 -5.42 -6.87
CAR 2F7 M . -1.95 -4.09 -8.76
CAA 2F7 M . -2.85 -2.90 -9.06
NAV 2F7 M . -0.92 -1.72 -7.36
CBC 2F7 M . 0.27 -1.12 -7.55
OAF 2F7 M . 1.42 -1.56 -7.33
CBF 2F7 M . 0.01 0.12 -8.18
CAP 2F7 M . -1.32 0.28 -8.58
CAN 2F7 M . -1.77 1.44 -9.21
CBE 2F7 M . -0.84 2.45 -9.41
FAM 2F7 M . -1.29 3.51 -9.97
CAO 2F7 M . 0.49 2.33 -8.99
CAQ 2F7 M . 0.94 1.16 -8.36
#